data_7G6J
#
_entry.id   7G6J
#
_cell.length_a   83.845
_cell.length_b   91.372
_cell.length_c   119.591
_cell.angle_alpha   90.000
_cell.angle_beta   90.000
_cell.angle_gamma   90.000
#
_symmetry.space_group_name_H-M   'P 21 21 21'
#
loop_
_entity.id
_entity.type
_entity.pdbx_description
1 polymer 'Isoform 2 of Ectonucleotide pyrophosphatase/phosphodiesterase family member 2'
2 branched alpha-D-mannopyranose-(1-2)-alpha-D-mannopyranose-(1-3)-alpha-D-mannopyranose-(1-6)-[alpha-D-mannopyranose-(1-2)-alpha-D-mannopyranose-(1-3)]beta-D-mannopyranose-(1-4)-2-acetamido-2-deoxy-beta-D-glucopyranose-(1-4)-2-acetamido-2-deoxy-beta-D-glucopyranose
3 non-polymer 'CALCIUM ION'
4 non-polymer 'ACETATE ION'
5 non-polymer 'CHLORIDE ION'
6 non-polymer 'ZINC ION'
7 non-polymer 'SODIUM ION'
8 non-polymer 2-[(2-tert-butyl-4-chloro-5-methylphenoxy)methyl]pyridine
9 water water
#
_entity_poly.entity_id   1
_entity_poly.type   'polypeptide(L)'
_entity_poly.pdbx_seq_one_letter_code
;FTASRIKRAEWDEGPPTVLSDSPWTATSGSCKGRCFELQEVGPPDCRCDNLCKSYSSCCHDFDELCLKTARGWECTKDRC
GEVRNEENACHCSEDCLSRGDCCTNYQVVCKGESHWVDDDCEEIKVPECPAGFVRPPLIIFSVDGFRASYMKKGSKVMPN
IEKLRSCGTHAPYMRPVYPTKTFPNLYTLATGLYPESHGIVGNSMYDPVFDASFHLRGREKFNHRWWGGQPLWITATKQG
VRAGTFFWSVSIPHERRILTILQWLSLPDNERPSVYAFYSEQPDFSGHKYGPFGPEMTNPLREIDKTVGQLMDGLKQLRL
HRCVNVIFVGDHGMEDVTCDRTEFLSNYLTNVDDITLVPGTLGRIRAKSINNSKYDPKTIIAALTCKKPDQHFKPYMKQH
LPKRLHYANNRRIEDIHLLVDRRWHVARKPLDVYKKPSGKCFFQGDHGFDNKVNSMQTVFVGYGPTFKYRTKVPPFENIE
LYNVMCDLLGLKPAPNNGTHGSLNHLLRTNTFRPTMPDEVSRPNYPGIMYLQSEFDLGCTCDDKVEPKNKLEELNKRLHT
KGSTKERHLLYGRPAVLYRTSYDILYHTDFESGYSEIFLMPLWTSYTISKQAEVSSIPEHLTNCVRPDVRVSPGFSQNCL
AYKNDKQMSYGFLFPPYLSSSPEAKYDAFLVTNMVPMYPAFKRVWAYFQRVLVKKYASERNGVNVISGPIFDYNYDGLRD
TEDEIKQYVEGSSIPVPTHYYSIITSCLDFTQPADKCDGPLSVSSFILPHRPDNDESCNSSEDESKWVEELMKMHTARVR
DIEHLTGLDFYRKTSRSYSEILTLKTYLHTYESEIGGRHHHHHHHH
;
_entity_poly.pdbx_strand_id   A
#
loop_
_chem_comp.id
_chem_comp.type
_chem_comp.name
_chem_comp.formula
ACT non-polymer 'ACETATE ION' 'C2 H3 O2 -1'
BMA D-saccharide, beta linking beta-D-mannopyranose 'C6 H12 O6'
CA non-polymer 'CALCIUM ION' 'Ca 2'
CL non-polymer 'CHLORIDE ION' 'Cl -1'
MAN D-saccharide, alpha linking alpha-D-mannopyranose 'C6 H12 O6'
NA non-polymer 'SODIUM ION' 'Na 1'
NAG D-saccharide, beta linking 2-acetamido-2-deoxy-beta-D-glucopyranose 'C8 H15 N O6'
Y85 non-polymer 2-[(2-tert-butyl-4-chloro-5-methylphenoxy)methyl]pyridine 'C17 H20 Cl N O'
ZN non-polymer 'ZINC ION' 'Zn 2'
#
# COMPACT_ATOMS: atom_id res chain seq x y z
N TRP A 24 6.50 -35.50 20.10
CA TRP A 24 7.06 -36.77 19.54
C TRP A 24 6.61 -37.09 18.10
N THR A 25 7.58 -37.44 17.26
CA THR A 25 7.29 -38.00 15.93
C THR A 25 7.90 -39.40 15.83
N ALA A 26 7.07 -40.39 15.51
CA ALA A 26 7.54 -41.75 15.25
C ALA A 26 8.08 -41.79 13.82
N THR A 27 9.31 -41.27 13.64
CA THR A 27 9.91 -41.01 12.32
C THR A 27 10.37 -42.27 11.53
N SER A 28 9.87 -43.46 11.93
CA SER A 28 10.20 -44.71 11.24
C SER A 28 9.05 -45.38 10.48
N GLY A 29 8.14 -44.56 9.92
CA GLY A 29 7.34 -44.94 8.74
C GLY A 29 8.21 -44.60 7.51
N SER A 30 7.64 -44.65 6.31
CA SER A 30 8.45 -44.38 5.10
C SER A 30 7.87 -43.40 4.05
N CYS A 31 8.77 -42.64 3.39
CA CYS A 31 8.36 -41.72 2.32
C CYS A 31 8.27 -42.37 0.97
N LYS A 32 8.46 -43.69 0.91
CA LYS A 32 8.33 -44.46 -0.33
C LYS A 32 7.03 -44.10 -1.09
N GLY A 33 7.16 -43.64 -2.33
CA GLY A 33 6.05 -43.14 -3.13
C GLY A 33 5.37 -41.85 -2.66
N ARG A 34 5.76 -41.30 -1.51
CA ARG A 34 5.11 -40.13 -0.89
C ARG A 34 5.89 -38.81 -0.97
N CYS A 35 6.92 -38.73 -1.80
CA CYS A 35 7.83 -37.57 -1.74
C CYS A 35 7.07 -36.27 -2.10
N PHE A 36 7.11 -35.31 -1.18
CA PHE A 36 6.45 -34.01 -1.37
C PHE A 36 4.95 -34.20 -1.56
N GLU A 37 4.39 -35.01 -0.66
CA GLU A 37 2.95 -35.19 -0.59
C GLU A 37 2.29 -33.83 -0.35
N LEU A 38 1.16 -33.63 -1.01
CA LEU A 38 0.46 -32.36 -0.96
C LEU A 38 -0.37 -32.16 0.32
N GLN A 39 -0.84 -33.24 0.92
CA GLN A 39 -1.61 -33.15 2.16
C GLN A 39 -0.72 -33.54 3.33
N GLU A 40 -0.84 -32.81 4.41
CA GLU A 40 -0.05 -33.04 5.61
C GLU A 40 -0.71 -34.12 6.47
N VAL A 41 0.05 -35.14 6.85
CA VAL A 41 -0.48 -36.21 7.71
C VAL A 41 -0.36 -35.90 9.21
N GLY A 42 -1.33 -36.42 9.97
CA GLY A 42 -1.44 -36.18 11.40
C GLY A 42 -0.37 -36.91 12.20
N PRO A 43 0.51 -36.15 12.89
CA PRO A 43 1.52 -36.68 13.82
C PRO A 43 0.93 -37.60 14.93
N PRO A 44 1.78 -38.39 15.62
CA PRO A 44 3.19 -38.71 15.29
C PRO A 44 3.40 -39.78 14.18
N ASP A 45 2.57 -39.75 13.12
CA ASP A 45 2.93 -40.38 11.84
C ASP A 45 3.95 -39.47 11.18
N CYS A 46 4.97 -40.03 10.55
CA CYS A 46 6.01 -39.18 9.98
C CYS A 46 5.57 -38.53 8.65
N ARG A 47 6.16 -37.39 8.37
CA ARG A 47 5.76 -36.54 7.24
C ARG A 47 6.78 -36.55 6.12
N CYS A 48 6.30 -36.37 4.89
CA CYS A 48 7.12 -36.34 3.69
C CYS A 48 6.86 -35.08 2.84
N ASP A 49 6.15 -34.11 3.41
CA ASP A 49 5.83 -32.83 2.76
C ASP A 49 6.99 -31.85 2.93
N ASN A 50 6.99 -30.74 2.18
CA ASN A 50 8.11 -29.78 2.20
C ASN A 50 8.24 -28.96 3.48
N LEU A 51 7.40 -29.28 4.46
CA LEU A 51 7.43 -28.65 5.78
C LEU A 51 8.03 -29.57 6.85
N CYS A 52 8.19 -30.85 6.54
CA CYS A 52 8.66 -31.81 7.56
C CYS A 52 10.04 -31.45 8.12
N LYS A 53 10.97 -30.99 7.27
CA LYS A 53 12.30 -30.57 7.71
C LYS A 53 12.19 -29.57 8.84
N SER A 54 11.27 -28.61 8.68
CA SER A 54 11.06 -27.51 9.63
C SER A 54 10.49 -27.94 10.99
N TYR A 55 9.79 -29.07 11.03
CA TYR A 55 9.19 -29.58 12.25
C TYR A 55 9.97 -30.72 12.91
N SER A 56 11.16 -31.05 12.38
CA SER A 56 11.92 -32.23 12.79
C SER A 56 11.10 -33.52 12.69
N SER A 57 10.27 -33.62 11.65
CA SER A 57 9.28 -34.70 11.60
C SER A 57 9.29 -35.59 10.35
N CYS A 58 10.31 -35.43 9.50
CA CYS A 58 10.40 -36.23 8.28
C CYS A 58 10.61 -37.69 8.64
N CYS A 59 10.14 -38.61 7.80
CA CYS A 59 10.47 -40.04 7.92
C CYS A 59 11.96 -40.23 7.73
N HIS A 60 12.48 -41.32 8.30
CA HIS A 60 13.90 -41.64 8.31
C HIS A 60 14.52 -41.57 6.93
N ASP A 61 13.74 -41.87 5.89
CA ASP A 61 14.25 -42.06 4.52
C ASP A 61 13.94 -40.90 3.56
N PHE A 62 13.51 -39.80 4.16
CA PHE A 62 13.16 -38.60 3.41
C PHE A 62 14.33 -38.13 2.55
N ASP A 63 15.52 -37.95 3.13
CA ASP A 63 16.68 -37.48 2.35
C ASP A 63 16.94 -38.43 1.20
N GLU A 64 16.99 -39.72 1.51
CA GLU A 64 17.37 -40.74 0.53
C GLU A 64 16.42 -40.78 -0.68
N LEU A 65 15.12 -40.80 -0.40
CA LEU A 65 14.11 -40.94 -1.44
C LEU A 65 13.73 -39.57 -2.03
N CYS A 66 13.59 -38.55 -1.21
CA CYS A 66 13.04 -37.27 -1.63
C CYS A 66 14.05 -36.20 -2.00
N LEU A 67 15.29 -36.33 -1.52
CA LEU A 67 16.30 -35.32 -1.79
C LEU A 67 17.51 -35.93 -2.52
N LYS A 68 17.23 -36.78 -3.51
CA LYS A 68 18.26 -37.36 -4.39
C LYS A 68 19.10 -36.28 -5.05
N THR A 69 20.38 -36.54 -5.18
CA THR A 69 21.29 -35.55 -5.76
C THR A 69 22.22 -36.22 -6.75
N ALA A 70 22.16 -37.55 -6.80
CA ALA A 70 23.08 -38.32 -7.63
C ALA A 70 23.11 -37.83 -9.08
N ARG A 71 24.33 -37.49 -9.51
CA ARG A 71 24.65 -37.10 -10.88
C ARG A 71 24.22 -35.66 -11.20
N GLY A 72 23.72 -34.94 -10.19
CA GLY A 72 23.40 -33.52 -10.33
C GLY A 72 22.13 -33.23 -11.13
N TRP A 73 22.09 -32.06 -11.77
CA TRP A 73 20.82 -31.50 -12.24
C TRP A 73 20.67 -31.34 -13.75
N GLU A 74 21.65 -31.81 -14.51
CA GLU A 74 21.60 -31.60 -15.96
C GLU A 74 21.90 -32.90 -16.69
N CYS A 75 21.20 -33.16 -17.79
CA CYS A 75 21.59 -34.20 -18.74
C CYS A 75 22.86 -33.78 -19.46
N THR A 76 23.69 -34.78 -19.80
CA THR A 76 24.86 -34.58 -20.64
C THR A 76 24.76 -35.54 -21.79
N LYS A 77 25.58 -35.32 -22.82
CA LYS A 77 25.53 -36.10 -24.08
C LYS A 77 25.50 -37.60 -23.82
N ASP A 78 26.38 -38.06 -22.95
CA ASP A 78 26.50 -39.49 -22.62
C ASP A 78 25.32 -40.12 -21.84
N ARG A 79 24.47 -39.30 -21.21
CA ARG A 79 23.32 -39.84 -20.46
C ARG A 79 22.06 -40.06 -21.30
N CYS A 80 22.05 -39.58 -22.54
CA CYS A 80 20.86 -39.64 -23.38
C CYS A 80 20.37 -41.06 -23.61
N GLY A 81 19.06 -41.26 -23.40
CA GLY A 81 18.43 -42.58 -23.46
C GLY A 81 19.07 -43.64 -22.56
N GLU A 82 19.70 -43.20 -21.47
CA GLU A 82 20.25 -44.10 -20.47
C GLU A 82 19.18 -45.07 -19.96
N VAL A 83 19.65 -46.04 -19.18
CA VAL A 83 18.78 -46.98 -18.45
C VAL A 83 18.42 -46.33 -17.12
N ARG A 84 17.12 -46.20 -16.88
CA ARG A 84 16.61 -45.58 -15.65
C ARG A 84 17.26 -46.09 -14.37
N ASN A 85 17.98 -45.21 -13.69
CA ASN A 85 18.53 -45.46 -12.39
C ASN A 85 17.76 -44.58 -11.39
N GLU A 86 16.89 -45.18 -10.58
CA GLU A 86 16.02 -44.41 -9.66
C GLU A 86 16.76 -43.64 -8.56
N GLU A 87 18.08 -43.70 -8.57
CA GLU A 87 18.91 -42.99 -7.58
C GLU A 87 19.29 -41.57 -8.04
N ASN A 88 19.19 -41.34 -9.35
CA ASN A 88 19.63 -40.08 -9.93
C ASN A 88 18.72 -38.93 -9.47
N ALA A 89 19.26 -37.72 -9.46
CA ALA A 89 18.49 -36.53 -9.08
C ALA A 89 17.37 -36.30 -10.08
N CYS A 90 17.66 -36.44 -11.36
CA CYS A 90 16.68 -36.29 -12.42
C CYS A 90 17.08 -37.27 -13.54
N HIS A 91 16.24 -37.44 -14.55
CA HIS A 91 16.44 -38.55 -15.48
C HIS A 91 16.65 -38.11 -16.91
N CYS A 92 17.39 -38.92 -17.66
CA CYS A 92 17.69 -38.64 -19.07
C CYS A 92 17.29 -39.82 -19.96
N SER A 93 16.72 -40.83 -19.31
CA SER A 93 16.22 -42.04 -19.94
C SER A 93 14.99 -41.74 -20.77
N GLU A 94 14.69 -42.60 -21.75
CA GLU A 94 13.60 -42.38 -22.72
C GLU A 94 12.24 -42.23 -22.08
N ASP A 95 12.05 -42.87 -20.94
CA ASP A 95 10.75 -42.88 -20.32
C ASP A 95 10.51 -41.64 -19.44
N CYS A 96 11.48 -40.73 -19.36
CA CYS A 96 11.40 -39.65 -18.34
C CYS A 96 10.23 -38.66 -18.58
N LEU A 97 9.94 -38.34 -19.83
CA LEU A 97 8.86 -37.39 -20.15
C LEU A 97 7.51 -37.83 -19.55
N SER A 98 7.14 -39.09 -19.79
CA SER A 98 5.89 -39.63 -19.26
C SER A 98 5.96 -39.96 -17.76
N ARG A 99 7.17 -40.12 -17.23
CA ARG A 99 7.33 -40.21 -15.79
C ARG A 99 7.29 -38.80 -15.13
N GLY A 100 7.47 -37.76 -15.95
CA GLY A 100 7.48 -36.35 -15.49
C GLY A 100 8.70 -35.95 -14.66
N ASP A 101 9.83 -36.62 -14.88
CA ASP A 101 10.98 -36.42 -14.02
C ASP A 101 12.32 -36.32 -14.76
N CYS A 102 12.29 -35.91 -16.03
CA CYS A 102 13.53 -35.54 -16.75
C CYS A 102 14.24 -34.33 -16.12
N CYS A 103 15.57 -34.30 -16.17
CA CYS A 103 16.27 -33.02 -15.99
C CYS A 103 15.65 -31.99 -16.94
N THR A 104 15.71 -30.73 -16.58
CA THR A 104 14.98 -29.74 -17.31
C THR A 104 15.63 -29.50 -18.67
N ASN A 105 16.90 -29.85 -18.83
CA ASN A 105 17.59 -29.64 -20.12
C ASN A 105 17.64 -30.91 -20.99
N TYR A 106 16.81 -31.89 -20.63
CA TYR A 106 16.72 -33.18 -21.36
C TYR A 106 16.48 -33.03 -22.84
N GLN A 107 15.42 -32.31 -23.23
CA GLN A 107 15.11 -32.12 -24.65
C GLN A 107 16.19 -31.35 -25.39
N VAL A 108 16.84 -30.41 -24.69
CA VAL A 108 17.87 -29.64 -25.34
C VAL A 108 19.09 -30.53 -25.64
N VAL A 109 19.59 -31.23 -24.62
CA VAL A 109 20.77 -32.08 -24.77
C VAL A 109 20.49 -33.30 -25.68
N CYS A 110 19.42 -34.03 -25.38
CA CYS A 110 19.15 -35.32 -25.97
C CYS A 110 18.23 -35.30 -27.18
N LYS A 111 17.43 -34.26 -27.38
CA LYS A 111 16.49 -34.26 -28.50
C LYS A 111 16.65 -33.07 -29.46
N GLY A 112 17.79 -32.38 -29.41
CA GLY A 112 18.05 -31.23 -30.30
C GLY A 112 17.08 -30.04 -30.21
N GLU A 113 16.33 -29.95 -29.10
CA GLU A 113 15.46 -28.78 -28.85
C GLU A 113 16.29 -27.54 -28.46
N SER A 114 15.71 -26.37 -28.67
CA SER A 114 16.27 -25.10 -28.16
C SER A 114 15.80 -24.79 -26.71
N HIS A 115 16.64 -24.07 -25.95
CA HIS A 115 16.25 -23.51 -24.65
C HIS A 115 15.13 -22.51 -24.89
N TRP A 116 14.18 -22.48 -23.96
CA TRP A 116 13.10 -21.49 -24.02
C TRP A 116 13.63 -20.06 -24.27
N VAL A 117 14.71 -19.67 -23.60
CA VAL A 117 15.20 -18.29 -23.75
C VAL A 117 15.70 -17.96 -25.16
N ASP A 118 16.09 -18.97 -25.93
CA ASP A 118 16.59 -18.75 -27.30
C ASP A 118 15.50 -18.70 -28.37
N ASP A 119 14.25 -18.95 -27.97
CA ASP A 119 13.10 -18.89 -28.86
C ASP A 119 12.57 -17.46 -28.91
N ASP A 120 12.19 -17.03 -30.12
CA ASP A 120 11.53 -15.75 -30.32
C ASP A 120 10.30 -15.72 -29.47
N CYS A 121 9.98 -14.60 -28.87
CA CYS A 121 8.67 -14.65 -28.25
C CYS A 121 7.55 -14.42 -29.22
N GLU A 122 6.45 -15.09 -28.96
CA GLU A 122 5.32 -15.13 -29.84
C GLU A 122 4.16 -14.90 -28.90
N GLU A 123 3.29 -13.98 -29.27
CA GLU A 123 2.08 -13.68 -28.52
C GLU A 123 1.33 -14.95 -28.13
N ILE A 124 0.93 -15.06 -26.87
CA ILE A 124 0.08 -16.18 -26.42
C ILE A 124 -1.35 -15.62 -26.33
N LYS A 125 -2.11 -15.76 -27.42
CA LYS A 125 -3.45 -15.20 -27.53
C LYS A 125 -4.48 -16.02 -26.78
N VAL A 126 -4.25 -17.32 -26.69
CA VAL A 126 -5.15 -18.22 -25.99
C VAL A 126 -4.28 -19.23 -25.25
N PRO A 127 -4.80 -19.81 -24.16
CA PRO A 127 -4.00 -20.87 -23.52
C PRO A 127 -3.87 -22.06 -24.46
N GLU A 128 -2.65 -22.60 -24.55
CA GLU A 128 -2.37 -23.80 -25.35
C GLU A 128 -1.95 -24.89 -24.38
N CYS A 129 -2.92 -25.69 -23.93
CA CYS A 129 -2.75 -26.55 -22.76
C CYS A 129 -3.05 -28.00 -23.17
N PRO A 130 -2.36 -28.98 -22.56
CA PRO A 130 -2.71 -30.41 -22.78
C PRO A 130 -4.15 -30.70 -22.38
N ALA A 131 -4.72 -31.75 -22.98
CA ALA A 131 -6.07 -32.14 -22.66
C ALA A 131 -6.16 -32.50 -21.19
N GLY A 132 -7.25 -32.11 -20.57
CA GLY A 132 -7.44 -32.40 -19.17
C GLY A 132 -7.16 -31.21 -18.27
N PHE A 133 -6.51 -30.18 -18.81
CA PHE A 133 -6.31 -28.94 -18.02
C PHE A 133 -7.59 -28.09 -18.06
N VAL A 134 -8.25 -27.92 -16.92
CA VAL A 134 -9.51 -27.11 -16.84
C VAL A 134 -9.26 -25.58 -16.90
N ARG A 135 -8.04 -25.16 -16.59
CA ARG A 135 -7.68 -23.75 -16.46
C ARG A 135 -6.14 -23.64 -16.54
N PRO A 136 -5.62 -22.52 -17.02
CA PRO A 136 -4.17 -22.36 -17.00
C PRO A 136 -3.66 -22.35 -15.52
N PRO A 137 -2.65 -23.17 -15.20
CA PRO A 137 -2.05 -23.09 -13.84
C PRO A 137 -1.36 -21.72 -13.63
N LEU A 138 -1.24 -21.31 -12.36
CA LEU A 138 -0.53 -20.12 -11.97
C LEU A 138 0.73 -20.56 -11.19
N ILE A 139 1.90 -20.06 -11.61
CA ILE A 139 3.11 -20.29 -10.85
C ILE A 139 3.64 -18.95 -10.38
N ILE A 140 3.73 -18.80 -9.06
CA ILE A 140 4.27 -17.58 -8.50
C ILE A 140 5.76 -17.79 -8.23
N PHE A 141 6.63 -17.01 -8.89
CA PHE A 141 8.04 -17.22 -8.73
C PHE A 141 8.56 -16.04 -7.89
N SER A 142 8.71 -16.25 -6.60
CA SER A 142 9.04 -15.15 -5.70
C SER A 142 10.51 -15.10 -5.34
N VAL A 143 11.05 -13.88 -5.42
CA VAL A 143 12.46 -13.68 -5.16
C VAL A 143 12.63 -12.67 -4.04
N ASP A 144 13.46 -13.04 -3.08
CA ASP A 144 13.64 -12.26 -1.86
C ASP A 144 14.69 -11.16 -2.11
N GLY A 145 14.35 -9.92 -1.76
CA GLY A 145 15.35 -8.81 -1.84
C GLY A 145 15.60 -8.29 -3.25
N PHE A 146 14.74 -8.65 -4.20
CA PHE A 146 14.94 -8.31 -5.61
C PHE A 146 14.51 -6.87 -5.86
N ARG A 147 15.45 -5.98 -5.67
CA ARG A 147 15.21 -4.59 -5.88
C ARG A 147 14.84 -4.24 -7.34
N ALA A 148 13.95 -3.26 -7.49
CA ALA A 148 13.33 -2.95 -8.77
C ALA A 148 14.40 -2.59 -9.81
N SER A 149 15.45 -1.87 -9.44
CA SER A 149 16.42 -1.48 -10.46
C SER A 149 17.34 -2.61 -10.92
N TYR A 150 17.32 -3.76 -10.25
CA TYR A 150 18.04 -4.95 -10.82
C TYR A 150 17.56 -5.29 -12.24
N MET A 151 16.30 -5.00 -12.56
CA MET A 151 15.76 -5.34 -13.91
C MET A 151 16.56 -4.66 -15.02
N LYS A 152 16.88 -3.38 -14.82
CA LYS A 152 17.70 -2.66 -15.80
C LYS A 152 19.17 -2.91 -15.51
N LYS A 153 19.58 -2.75 -14.25
CA LYS A 153 21.02 -2.86 -13.94
C LYS A 153 21.65 -4.25 -14.10
N GLY A 154 20.90 -5.31 -13.85
CA GLY A 154 21.44 -6.65 -14.05
C GLY A 154 20.98 -7.28 -15.35
N SER A 155 20.39 -6.49 -16.26
CA SER A 155 19.80 -7.05 -17.50
C SER A 155 20.72 -7.95 -18.30
N LYS A 156 22.02 -7.66 -18.31
CA LYS A 156 23.00 -8.42 -19.13
C LYS A 156 23.23 -9.82 -18.59
N VAL A 157 22.89 -10.04 -17.34
CA VAL A 157 23.18 -11.35 -16.79
C VAL A 157 21.91 -12.15 -16.47
N MET A 158 20.75 -11.65 -16.92
CA MET A 158 19.47 -12.31 -16.63
C MET A 158 18.61 -12.46 -17.87
N PRO A 159 19.07 -13.25 -18.84
CA PRO A 159 18.36 -13.28 -20.11
C PRO A 159 16.95 -13.94 -20.01
N ASN A 160 16.77 -14.94 -19.14
CA ASN A 160 15.46 -15.58 -19.00
C ASN A 160 14.46 -14.60 -18.38
N ILE A 161 14.90 -13.90 -17.33
CA ILE A 161 14.05 -12.88 -16.67
C ILE A 161 13.72 -11.72 -17.64
N GLU A 162 14.72 -11.27 -18.39
CA GLU A 162 14.52 -10.20 -19.36
C GLU A 162 13.58 -10.57 -20.49
N LYS A 163 13.61 -11.82 -20.92
CA LYS A 163 12.58 -12.29 -21.91
C LYS A 163 11.17 -12.29 -21.30
N LEU A 164 11.04 -12.84 -20.10
CA LEU A 164 9.74 -12.76 -19.40
C LEU A 164 9.26 -11.32 -19.34
N ARG A 165 10.18 -10.45 -18.90
CA ARG A 165 9.85 -9.04 -18.74
C ARG A 165 9.45 -8.34 -20.04
N SER A 166 10.24 -8.52 -21.10
CA SER A 166 9.95 -7.78 -22.34
C SER A 166 8.77 -8.43 -23.09
N CYS A 167 8.60 -9.74 -22.99
CA CYS A 167 7.52 -10.41 -23.72
CA CYS A 167 7.54 -10.46 -23.70
C CYS A 167 6.17 -10.38 -23.00
N GLY A 168 6.22 -10.27 -21.66
CA GLY A 168 5.04 -10.31 -20.86
C GLY A 168 4.52 -8.93 -20.54
N THR A 169 3.84 -8.84 -19.40
CA THR A 169 3.36 -7.57 -18.86
C THR A 169 4.28 -7.22 -17.67
N HIS A 170 4.83 -6.01 -17.61
CA HIS A 170 5.69 -5.65 -16.48
C HIS A 170 5.40 -4.23 -15.95
N ALA A 171 5.77 -3.98 -14.70
CA ALA A 171 5.72 -2.63 -14.15
C ALA A 171 7.18 -2.19 -13.99
N PRO A 172 7.45 -0.88 -14.07
CA PRO A 172 8.80 -0.35 -13.73
C PRO A 172 9.19 -0.75 -12.28
N TYR A 173 8.21 -0.84 -11.36
CA TYR A 173 8.44 -1.40 -10.03
C TYR A 173 7.12 -1.67 -9.35
N MET A 174 7.19 -2.39 -8.26
CA MET A 174 6.00 -2.69 -7.50
C MET A 174 6.28 -2.22 -6.05
N ARG A 175 5.35 -1.48 -5.45
CA ARG A 175 5.50 -0.97 -4.08
C ARG A 175 5.19 -2.05 -3.05
N PRO A 176 6.15 -2.36 -2.18
CA PRO A 176 5.85 -3.28 -1.10
C PRO A 176 4.99 -2.64 -0.03
N VAL A 177 4.60 -3.41 0.99
CA VAL A 177 3.96 -2.78 2.14
C VAL A 177 5.01 -2.48 3.23
N TYR A 178 4.61 -1.66 4.21
CA TYR A 178 5.46 -1.34 5.38
C TYR A 178 5.11 -2.28 6.55
N PRO A 179 6.13 -2.82 7.27
CA PRO A 179 7.56 -2.65 7.06
C PRO A 179 8.03 -3.54 5.92
N THR A 180 9.02 -3.07 5.17
CA THR A 180 9.49 -3.75 3.99
C THR A 180 10.42 -4.91 4.37
N LYS A 181 9.84 -5.85 5.12
CA LYS A 181 10.49 -7.10 5.55
C LYS A 181 9.81 -8.28 4.83
N THR A 182 10.39 -9.47 4.97
CA THR A 182 9.98 -10.62 4.16
C THR A 182 8.62 -11.19 4.45
N PHE A 183 8.38 -11.56 5.70
CA PHE A 183 7.13 -12.21 6.01
C PHE A 183 5.94 -11.25 5.88
N PRO A 184 6.08 -10.00 6.37
CA PRO A 184 4.95 -9.08 6.16
C PRO A 184 4.59 -8.97 4.67
N ASN A 185 5.60 -8.87 3.80
CA ASN A 185 5.31 -8.71 2.39
C ASN A 185 4.81 -9.98 1.69
N LEU A 186 5.40 -11.13 1.99
CA LEU A 186 4.94 -12.37 1.38
C LEU A 186 3.55 -12.71 1.83
N TYR A 187 3.23 -12.47 3.10
CA TYR A 187 1.89 -12.76 3.55
C TYR A 187 0.88 -11.73 3.00
N THR A 188 1.33 -10.50 2.71
CA THR A 188 0.45 -9.52 2.02
C THR A 188 0.21 -10.00 0.58
N LEU A 189 1.22 -10.57 -0.08
CA LEU A 189 1.03 -11.09 -1.45
C LEU A 189 -0.02 -12.19 -1.43
N ALA A 190 0.06 -13.02 -0.40
CA ALA A 190 -0.84 -14.17 -0.26
C ALA A 190 -2.26 -13.81 0.15
N THR A 191 -2.48 -12.66 0.76
CA THR A 191 -3.78 -12.36 1.41
C THR A 191 -4.49 -11.15 0.82
N GLY A 192 -3.74 -10.24 0.21
CA GLY A 192 -4.26 -8.94 -0.20
C GLY A 192 -4.46 -7.98 0.97
N LEU A 193 -3.90 -8.26 2.14
CA LEU A 193 -4.18 -7.50 3.35
C LEU A 193 -2.97 -6.69 3.81
N TYR A 194 -3.21 -5.54 4.38
CA TYR A 194 -2.16 -4.80 5.10
C TYR A 194 -1.64 -5.68 6.29
N PRO A 195 -0.36 -5.55 6.64
CA PRO A 195 0.20 -6.28 7.80
C PRO A 195 -0.65 -6.02 9.06
N GLU A 196 -1.16 -4.81 9.26
CA GLU A 196 -2.00 -4.54 10.47
C GLU A 196 -3.22 -5.45 10.50
N SER A 197 -3.70 -5.89 9.33
CA SER A 197 -4.87 -6.74 9.28
C SER A 197 -4.55 -8.22 9.21
N HIS A 198 -3.52 -8.61 8.47
CA HIS A 198 -3.14 -10.05 8.50
C HIS A 198 -2.36 -10.48 9.78
N GLY A 199 -1.76 -9.51 10.45
CA GLY A 199 -1.13 -9.76 11.74
C GLY A 199 0.36 -10.01 11.74
N ILE A 200 0.96 -10.17 10.56
CA ILE A 200 2.39 -10.31 10.48
C ILE A 200 3.00 -8.91 10.30
N VAL A 201 3.17 -8.21 11.42
CA VAL A 201 3.46 -6.78 11.41
C VAL A 201 4.96 -6.53 11.46
N GLY A 202 5.74 -7.58 11.58
CA GLY A 202 7.17 -7.44 11.54
C GLY A 202 7.82 -8.82 11.47
N ASN A 203 9.14 -8.81 11.36
CA ASN A 203 9.92 -10.05 11.40
C ASN A 203 10.10 -10.54 12.84
N SER A 204 9.83 -9.66 13.82
CA SER A 204 9.81 -10.00 15.26
C SER A 204 8.58 -9.39 15.94
N MET A 205 7.90 -10.12 16.86
CA MET A 205 6.61 -9.66 17.45
C MET A 205 6.24 -10.20 18.85
N TYR A 206 5.55 -9.41 19.64
CA TYR A 206 4.98 -9.86 20.91
C TYR A 206 3.49 -9.62 20.81
N ASP A 207 2.67 -10.63 21.12
CA ASP A 207 1.23 -10.48 21.16
C ASP A 207 0.75 -10.59 22.62
N PRO A 208 0.31 -9.46 23.18
CA PRO A 208 -0.08 -9.35 24.59
C PRO A 208 -1.29 -10.20 24.97
N VAL A 209 -2.19 -10.50 24.03
CA VAL A 209 -3.35 -11.35 24.31
C VAL A 209 -2.91 -12.80 24.48
N PHE A 210 -2.07 -13.26 23.55
CA PHE A 210 -1.51 -14.60 23.63
C PHE A 210 -0.44 -14.67 24.71
N ASP A 211 0.17 -13.52 25.05
CA ASP A 211 1.44 -13.50 25.78
C ASP A 211 2.43 -14.47 25.12
N ALA A 212 2.65 -14.29 23.83
CA ALA A 212 3.60 -15.12 23.08
C ALA A 212 4.42 -14.24 22.13
N SER A 213 5.61 -14.69 21.78
CA SER A 213 6.48 -13.96 20.83
C SER A 213 6.67 -14.73 19.52
N PHE A 214 6.89 -13.98 18.44
CA PHE A 214 7.14 -14.52 17.09
C PHE A 214 8.54 -14.06 16.66
N HIS A 215 9.39 -15.00 16.24
CA HIS A 215 10.76 -14.73 15.81
C HIS A 215 11.04 -15.46 14.49
N LEU A 216 11.99 -14.94 13.71
CA LEU A 216 12.44 -15.57 12.47
C LEU A 216 12.98 -17.00 12.70
N ARG A 217 13.99 -17.11 13.55
CA ARG A 217 14.46 -18.41 14.04
C ARG A 217 13.37 -19.01 14.92
N GLY A 218 13.15 -20.30 14.80
CA GLY A 218 12.36 -21.01 15.76
C GLY A 218 11.04 -21.48 15.26
N ARG A 219 10.27 -22.02 16.19
CA ARG A 219 9.09 -22.81 15.88
C ARG A 219 7.78 -22.05 16.11
N GLU A 220 7.76 -21.09 17.06
CA GLU A 220 6.51 -20.34 17.38
C GLU A 220 5.89 -19.66 16.13
N LYS A 221 6.75 -19.22 15.21
CA LYS A 221 6.32 -18.59 13.95
C LYS A 221 5.44 -19.52 13.09
N PHE A 222 5.50 -20.82 13.36
CA PHE A 222 4.66 -21.81 12.68
C PHE A 222 3.28 -21.99 13.29
N ASN A 223 3.08 -21.58 14.54
CA ASN A 223 1.74 -21.59 15.12
C ASN A 223 0.77 -20.73 14.26
N HIS A 224 -0.41 -21.28 13.97
CA HIS A 224 -1.39 -20.65 13.09
C HIS A 224 -2.01 -19.36 13.60
N ARG A 225 -2.03 -19.13 14.91
CA ARG A 225 -2.63 -17.92 15.47
C ARG A 225 -1.92 -16.60 15.10
N TRP A 226 -0.69 -16.68 14.62
CA TRP A 226 -0.06 -15.48 14.09
C TRP A 226 -0.67 -15.04 12.75
N TRP A 227 -1.08 -16.01 11.93
CA TRP A 227 -1.37 -15.79 10.52
C TRP A 227 -2.86 -15.57 10.30
N GLY A 228 -3.25 -14.30 10.14
CA GLY A 228 -4.66 -13.95 9.95
C GLY A 228 -5.08 -13.90 8.47
N GLY A 229 -6.30 -13.42 8.23
CA GLY A 229 -6.84 -13.34 6.87
C GLY A 229 -6.99 -14.70 6.22
N GLN A 230 -7.08 -14.75 4.90
CA GLN A 230 -7.24 -16.00 4.21
C GLN A 230 -6.29 -16.02 3.02
N PRO A 231 -5.18 -16.75 3.15
CA PRO A 231 -4.15 -16.78 2.09
C PRO A 231 -4.63 -17.51 0.87
N LEU A 232 -4.01 -17.21 -0.27
CA LEU A 232 -4.43 -17.75 -1.57
C LEU A 232 -4.64 -19.27 -1.61
N TRP A 233 -3.74 -20.02 -0.97
CA TRP A 233 -3.87 -21.47 -0.99
C TRP A 233 -5.12 -21.95 -0.27
N ILE A 234 -5.62 -21.22 0.74
CA ILE A 234 -6.87 -21.59 1.43
C ILE A 234 -8.06 -21.15 0.58
N THR A 235 -7.94 -19.98 -0.03
CA THR A 235 -9.00 -19.50 -0.93
C THR A 235 -9.23 -20.52 -2.07
N ALA A 236 -8.13 -21.03 -2.63
CA ALA A 236 -8.19 -21.99 -3.73
C ALA A 236 -8.88 -23.28 -3.23
N THR A 237 -8.36 -23.84 -2.13
CA THR A 237 -8.86 -25.11 -1.59
C THR A 237 -10.35 -25.02 -1.27
N LYS A 238 -10.76 -24.02 -0.50
CA LYS A 238 -12.19 -23.82 -0.23
C LYS A 238 -13.05 -23.79 -1.47
N GLN A 239 -12.49 -23.38 -2.60
CA GLN A 239 -13.26 -23.24 -3.81
C GLN A 239 -12.99 -24.31 -4.82
N GLY A 240 -12.33 -25.39 -4.43
CA GLY A 240 -12.21 -26.55 -5.30
C GLY A 240 -11.01 -26.52 -6.24
N VAL A 241 -10.09 -25.59 -5.98
CA VAL A 241 -8.86 -25.49 -6.75
C VAL A 241 -7.72 -25.99 -5.86
N ARG A 242 -6.94 -26.93 -6.35
CA ARG A 242 -5.86 -27.55 -5.57
C ARG A 242 -4.60 -26.70 -5.59
N ALA A 243 -3.90 -26.67 -4.47
CA ALA A 243 -2.73 -25.79 -4.36
C ALA A 243 -1.44 -26.53 -3.99
N GLY A 244 -0.34 -26.23 -4.69
CA GLY A 244 1.00 -26.64 -4.30
C GLY A 244 1.40 -25.98 -2.98
N THR A 245 2.42 -26.49 -2.31
CA THR A 245 2.77 -25.86 -1.02
C THR A 245 3.58 -24.55 -1.27
N PHE A 246 3.38 -23.53 -0.44
CA PHE A 246 4.08 -22.24 -0.69
C PHE A 246 5.41 -22.08 0.07
N PHE A 247 5.46 -22.58 1.30
CA PHE A 247 6.68 -22.53 2.13
C PHE A 247 7.67 -23.62 1.67
N TRP A 248 8.92 -23.24 1.42
CA TRP A 248 9.98 -24.21 1.06
C TRP A 248 11.04 -24.27 2.17
N SER A 249 11.20 -25.41 2.82
CA SER A 249 12.29 -25.54 3.83
C SER A 249 13.64 -25.14 3.19
N VAL A 250 14.43 -24.37 3.94
CA VAL A 250 15.66 -23.76 3.42
C VAL A 250 16.68 -24.79 2.89
N SER A 251 16.68 -26.00 3.43
CA SER A 251 17.68 -26.99 3.01
C SER A 251 17.27 -27.72 1.72
N ILE A 252 16.09 -27.44 1.18
CA ILE A 252 15.71 -27.99 -0.14
C ILE A 252 16.33 -27.13 -1.24
N PRO A 253 17.25 -27.68 -2.06
CA PRO A 253 17.88 -26.79 -3.02
C PRO A 253 16.90 -26.33 -4.13
N HIS A 254 17.24 -25.25 -4.80
CA HIS A 254 16.33 -24.66 -5.79
C HIS A 254 16.00 -25.58 -6.93
N GLU A 255 16.97 -26.38 -7.36
CA GLU A 255 16.76 -27.29 -8.45
C GLU A 255 15.68 -28.31 -8.10
N ARG A 256 15.67 -28.75 -6.85
CA ARG A 256 14.69 -29.71 -6.33
C ARG A 256 13.29 -29.06 -6.18
N ARG A 257 13.25 -27.79 -5.79
CA ARG A 257 11.96 -27.07 -5.75
C ARG A 257 11.36 -27.05 -7.18
N ILE A 258 12.16 -26.67 -8.17
CA ILE A 258 11.68 -26.64 -9.58
C ILE A 258 11.20 -28.03 -10.04
N LEU A 259 12.03 -29.05 -9.84
CA LEU A 259 11.68 -30.41 -10.26
C LEU A 259 10.40 -30.90 -9.55
N THR A 260 10.21 -30.52 -8.29
CA THR A 260 8.99 -30.91 -7.55
C THR A 260 7.73 -30.26 -8.19
N ILE A 261 7.84 -28.97 -8.52
CA ILE A 261 6.73 -28.26 -9.22
C ILE A 261 6.42 -28.95 -10.52
N LEU A 262 7.47 -29.30 -11.26
CA LEU A 262 7.26 -29.92 -12.57
C LEU A 262 6.66 -31.30 -12.47
N GLN A 263 7.07 -32.05 -11.46
CA GLN A 263 6.46 -33.36 -11.18
C GLN A 263 4.97 -33.24 -10.82
N TRP A 264 4.64 -32.29 -9.96
CA TRP A 264 3.26 -32.05 -9.61
C TRP A 264 2.44 -31.73 -10.82
N LEU A 265 3.03 -31.03 -11.78
CA LEU A 265 2.31 -30.65 -12.98
C LEU A 265 2.02 -31.83 -13.87
N SER A 266 2.72 -32.94 -13.65
CA SER A 266 2.49 -34.19 -14.37
C SER A 266 1.49 -35.09 -13.66
N LEU A 267 0.97 -34.67 -12.50
CA LEU A 267 -0.07 -35.48 -11.84
C LEU A 267 -1.33 -35.62 -12.69
N PRO A 268 -2.14 -36.67 -12.40
CA PRO A 268 -3.45 -36.82 -13.02
C PRO A 268 -4.34 -35.63 -12.69
N ASP A 269 -5.27 -35.35 -13.60
CA ASP A 269 -6.12 -34.17 -13.55
C ASP A 269 -6.83 -33.95 -12.21
N ASN A 270 -7.37 -35.02 -11.62
CA ASN A 270 -7.99 -34.93 -10.33
C ASN A 270 -7.01 -34.68 -9.16
N GLU A 271 -5.71 -34.87 -9.36
CA GLU A 271 -4.74 -34.71 -8.26
C GLU A 271 -3.86 -33.46 -8.41
N ARG A 272 -3.79 -32.92 -9.62
CA ARG A 272 -2.82 -31.86 -9.99
C ARG A 272 -3.19 -30.50 -9.42
N PRO A 273 -2.27 -29.85 -8.66
CA PRO A 273 -2.68 -28.49 -8.28
C PRO A 273 -2.80 -27.51 -9.48
N SER A 274 -3.55 -26.43 -9.28
CA SER A 274 -3.64 -25.35 -10.26
C SER A 274 -2.79 -24.16 -9.85
N VAL A 275 -2.41 -24.07 -8.59
CA VAL A 275 -1.55 -22.95 -8.17
C VAL A 275 -0.30 -23.50 -7.50
N TYR A 276 0.87 -22.88 -7.80
CA TYR A 276 2.20 -23.27 -7.29
C TYR A 276 2.99 -22.00 -6.91
N ALA A 277 3.92 -22.20 -5.99
CA ALA A 277 4.86 -21.13 -5.63
C ALA A 277 6.27 -21.66 -5.56
N PHE A 278 7.22 -20.89 -6.10
CA PHE A 278 8.63 -21.11 -5.87
C PHE A 278 9.10 -19.92 -5.04
N TYR A 279 10.09 -20.11 -4.19
CA TYR A 279 10.65 -19.01 -3.46
C TYR A 279 12.16 -19.13 -3.47
N SER A 280 12.84 -18.02 -3.73
CA SER A 280 14.28 -17.96 -3.59
C SER A 280 14.75 -17.00 -2.47
N GLU A 281 15.70 -17.46 -1.67
CA GLU A 281 16.30 -16.67 -0.58
C GLU A 281 17.21 -15.58 -1.14
N GLN A 282 17.60 -15.73 -2.41
CA GLN A 282 18.47 -14.79 -3.10
C GLN A 282 17.59 -13.87 -3.96
N PRO A 283 18.05 -12.65 -4.26
CA PRO A 283 19.39 -12.13 -3.91
C PRO A 283 19.51 -11.55 -2.48
N ASP A 284 18.43 -11.53 -1.71
CA ASP A 284 18.43 -10.95 -0.36
C ASP A 284 19.62 -11.43 0.50
N PHE A 285 19.80 -12.74 0.56
CA PHE A 285 20.85 -13.34 1.39
C PHE A 285 22.23 -12.70 1.13
N SER A 286 22.62 -12.61 -0.13
CA SER A 286 23.84 -11.94 -0.49
C SER A 286 23.79 -10.42 -0.32
N GLY A 287 22.65 -9.80 -0.65
CA GLY A 287 22.51 -8.34 -0.49
C GLY A 287 22.77 -7.89 0.93
N HIS A 288 22.36 -8.66 1.92
CA HIS A 288 22.69 -8.28 3.26
C HIS A 288 24.23 -8.21 3.47
N LYS A 289 24.96 -9.17 2.91
CA LYS A 289 26.40 -9.28 3.17
C LYS A 289 27.18 -8.26 2.37
N TYR A 290 26.74 -7.99 1.14
CA TYR A 290 27.54 -7.19 0.21
C TYR A 290 26.95 -5.89 -0.22
N GLY A 291 25.76 -5.54 0.27
CA GLY A 291 25.05 -4.37 -0.26
C GLY A 291 24.33 -4.64 -1.56
N PRO A 292 23.37 -3.77 -1.91
CA PRO A 292 22.55 -4.08 -3.06
C PRO A 292 23.32 -4.14 -4.36
N PHE A 293 24.39 -3.35 -4.52
CA PHE A 293 25.17 -3.39 -5.78
C PHE A 293 26.62 -3.85 -5.65
N GLY A 294 26.90 -4.57 -4.57
CA GLY A 294 28.21 -5.17 -4.38
C GLY A 294 28.62 -6.00 -5.58
N PRO A 295 29.92 -5.98 -5.97
CA PRO A 295 30.36 -6.86 -7.09
C PRO A 295 29.96 -8.34 -6.89
N GLU A 296 29.82 -8.75 -5.62
CA GLU A 296 29.38 -10.11 -5.29
C GLU A 296 27.91 -10.40 -5.67
N MET A 297 27.18 -9.37 -6.09
CA MET A 297 25.75 -9.51 -6.42
C MET A 297 25.47 -10.05 -7.81
N THR A 298 26.43 -9.99 -8.71
CA THR A 298 26.25 -10.46 -10.08
C THR A 298 25.90 -11.96 -10.06
N ASN A 299 26.72 -12.74 -9.36
CA ASN A 299 26.52 -14.19 -9.31
C ASN A 299 25.14 -14.71 -8.81
N PRO A 300 24.63 -14.17 -7.68
CA PRO A 300 23.28 -14.56 -7.26
C PRO A 300 22.25 -14.19 -8.33
N LEU A 301 22.40 -13.06 -9.04
CA LEU A 301 21.44 -12.73 -10.10
C LEU A 301 21.53 -13.71 -11.29
N ARG A 302 22.75 -14.13 -11.64
CA ARG A 302 22.92 -15.16 -12.67
C ARG A 302 22.23 -16.46 -12.29
N GLU A 303 22.36 -16.83 -11.02
CA GLU A 303 21.85 -18.10 -10.54
C GLU A 303 20.32 -18.10 -10.49
N ILE A 304 19.71 -17.00 -10.02
CA ILE A 304 18.27 -16.85 -10.13
C ILE A 304 17.82 -16.98 -11.58
N ASP A 305 18.50 -16.30 -12.50
CA ASP A 305 18.13 -16.41 -13.88
C ASP A 305 18.21 -17.84 -14.44
N LYS A 306 19.23 -18.56 -14.05
CA LYS A 306 19.36 -19.95 -14.47
C LYS A 306 18.18 -20.81 -13.96
N THR A 307 17.74 -20.56 -12.72
CA THR A 307 16.59 -21.22 -12.14
C THR A 307 15.30 -20.95 -12.96
N VAL A 308 15.11 -19.71 -13.40
CA VAL A 308 13.95 -19.36 -14.23
C VAL A 308 14.06 -20.16 -15.55
N GLY A 309 15.29 -20.18 -16.10
CA GLY A 309 15.60 -20.97 -17.31
C GLY A 309 15.14 -22.43 -17.14
N GLN A 310 15.52 -23.03 -16.02
CA GLN A 310 15.15 -24.41 -15.70
C GLN A 310 13.64 -24.60 -15.66
N LEU A 311 12.92 -23.71 -14.97
CA LEU A 311 11.48 -23.81 -14.96
C LEU A 311 10.91 -23.69 -16.37
N MET A 312 11.36 -22.69 -17.13
CA MET A 312 10.76 -22.48 -18.44
C MET A 312 11.10 -23.61 -19.45
N ASP A 313 12.33 -24.12 -19.38
CA ASP A 313 12.69 -25.29 -20.20
C ASP A 313 11.84 -26.48 -19.77
N GLY A 314 11.63 -26.62 -18.45
CA GLY A 314 10.79 -27.70 -17.91
C GLY A 314 9.37 -27.60 -18.42
N LEU A 315 8.83 -26.37 -18.42
CA LEU A 315 7.45 -26.18 -18.88
C LEU A 315 7.39 -26.47 -20.36
N LYS A 316 8.39 -26.01 -21.12
CA LYS A 316 8.40 -26.27 -22.54
C LYS A 316 8.35 -27.78 -22.86
N GLN A 317 9.18 -28.57 -22.18
CA GLN A 317 9.17 -30.04 -22.27
C GLN A 317 7.81 -30.64 -22.00
N LEU A 318 7.12 -30.10 -21.01
CA LEU A 318 5.79 -30.59 -20.70
C LEU A 318 4.70 -29.97 -21.62
N ARG A 319 5.11 -29.16 -22.59
CA ARG A 319 4.19 -28.41 -23.47
C ARG A 319 3.25 -27.51 -22.65
N LEU A 320 3.80 -26.81 -21.64
CA LEU A 320 3.02 -25.95 -20.77
C LEU A 320 3.52 -24.52 -20.84
N HIS A 321 4.50 -24.27 -21.69
CA HIS A 321 5.12 -22.94 -21.76
C HIS A 321 4.20 -21.86 -22.36
N ARG A 322 3.13 -22.28 -23.05
CA ARG A 322 2.09 -21.36 -23.56
C ARG A 322 0.74 -21.66 -22.90
N CYS A 323 0.83 -22.25 -21.71
CA CYS A 323 -0.36 -22.63 -20.95
C CYS A 323 -0.35 -21.98 -19.54
N VAL A 324 0.81 -21.96 -18.88
CA VAL A 324 0.94 -21.50 -17.51
C VAL A 324 1.07 -19.98 -17.43
N ASN A 325 0.42 -19.36 -16.43
CA ASN A 325 0.69 -17.94 -16.18
C ASN A 325 1.78 -17.91 -15.09
N VAL A 326 2.82 -17.14 -15.33
CA VAL A 326 3.98 -17.08 -14.43
C VAL A 326 4.00 -15.67 -13.87
N ILE A 327 4.13 -15.56 -12.55
CA ILE A 327 4.32 -14.25 -11.95
C ILE A 327 5.70 -14.25 -11.32
N PHE A 328 6.54 -13.28 -11.72
CA PHE A 328 7.89 -13.11 -11.19
C PHE A 328 7.75 -11.86 -10.32
N VAL A 329 7.89 -12.05 -9.02
CA VAL A 329 7.55 -11.01 -8.04
C VAL A 329 8.57 -11.02 -6.91
N GLY A 330 8.97 -9.81 -6.46
CA GLY A 330 9.77 -9.73 -5.25
C GLY A 330 9.00 -9.29 -4.00
N ASP A 331 9.61 -9.43 -2.84
CA ASP A 331 8.92 -9.02 -1.62
C ASP A 331 9.30 -7.57 -1.18
N HIS A 332 10.53 -7.16 -1.49
CA HIS A 332 11.08 -5.81 -1.12
C HIS A 332 12.43 -5.68 -1.79
N GLY A 333 13.04 -4.49 -1.74
CA GLY A 333 14.32 -4.27 -2.31
C GLY A 333 15.38 -4.42 -1.22
N MET A 334 16.43 -3.59 -1.33
CA MET A 334 17.60 -3.67 -0.45
C MET A 334 18.32 -2.34 -0.58
N GLU A 335 18.78 -1.84 0.56
CA GLU A 335 19.45 -0.55 0.66
C GLU A 335 20.86 -0.78 1.25
N ASP A 336 21.78 0.17 1.00
CA ASP A 336 23.10 0.18 1.68
C ASP A 336 22.96 0.62 3.12
N VAL A 337 23.44 -0.22 4.03
CA VAL A 337 23.29 0.01 5.46
C VAL A 337 24.52 -0.63 6.10
N THR A 338 25.24 0.15 6.92
CA THR A 338 26.40 -0.39 7.64
C THR A 338 26.31 -0.09 9.14
N CYS A 339 27.13 -0.83 9.91
CA CYS A 339 27.16 -0.76 11.40
C CYS A 339 27.43 0.63 11.92
N ASP A 340 28.21 1.40 11.19
CA ASP A 340 28.53 2.74 11.63
C ASP A 340 27.38 3.73 11.46
N ARG A 341 26.39 3.42 10.60
CA ARG A 341 25.18 4.26 10.55
C ARG A 341 24.11 3.67 11.46
N THR A 342 24.33 3.79 12.76
CA THR A 342 23.44 3.31 13.78
C THR A 342 23.26 4.44 14.78
N GLU A 343 22.01 4.80 15.06
CA GLU A 343 21.65 5.72 16.13
C GLU A 343 21.40 4.87 17.37
N PHE A 344 21.84 5.34 18.55
CA PHE A 344 21.61 4.62 19.80
C PHE A 344 20.70 5.34 20.76
N LEU A 345 19.65 4.66 21.21
CA LEU A 345 18.70 5.27 22.14
C LEU A 345 19.38 5.69 23.47
N SER A 346 20.51 5.06 23.77
CA SER A 346 21.30 5.39 24.96
C SER A 346 21.93 6.80 24.84
N ASN A 347 22.03 7.33 23.62
CA ASN A 347 22.44 8.72 23.45
C ASN A 347 21.32 9.74 23.64
N TYR A 348 20.12 9.25 23.93
CA TYR A 348 18.93 10.11 24.04
C TYR A 348 18.23 9.92 25.37
N LEU A 349 18.18 8.70 25.86
CA LEU A 349 17.39 8.39 27.04
C LEU A 349 18.31 8.04 28.22
N THR A 350 17.91 8.44 29.42
CA THR A 350 18.64 8.04 30.63
C THR A 350 18.08 6.70 31.13
N ASN A 351 16.77 6.54 31.02
CA ASN A 351 16.07 5.31 31.42
C ASN A 351 16.09 4.11 30.43
N VAL A 352 17.14 4.00 29.61
CA VAL A 352 17.20 2.98 28.53
C VAL A 352 16.84 1.54 28.97
N ASP A 353 17.11 1.19 30.22
CA ASP A 353 16.88 -0.19 30.71
C ASP A 353 15.46 -0.51 31.13
N ASP A 354 14.59 0.49 31.09
CA ASP A 354 13.18 0.30 31.43
C ASP A 354 12.35 0.09 30.15
N ILE A 355 13.03 0.05 29.01
CA ILE A 355 12.38 -0.16 27.70
C ILE A 355 12.91 -1.38 26.97
N THR A 356 12.03 -1.92 26.13
CA THR A 356 12.31 -3.00 25.18
C THR A 356 12.26 -2.34 23.80
N LEU A 357 13.30 -2.46 23.00
CA LEU A 357 13.29 -1.99 21.61
C LEU A 357 13.37 -3.11 20.57
N VAL A 358 12.35 -3.20 19.71
CA VAL A 358 12.50 -3.89 18.42
C VAL A 358 13.30 -3.01 17.47
N PRO A 359 14.54 -3.42 17.12
CA PRO A 359 15.51 -2.56 16.51
C PRO A 359 15.68 -2.75 15.00
N GLY A 360 16.53 -1.90 14.43
CA GLY A 360 17.02 -2.10 13.08
C GLY A 360 16.57 -1.00 12.16
N THR A 361 15.86 -1.39 11.09
CA THR A 361 15.44 -0.41 10.08
C THR A 361 14.11 0.24 10.44
N LEU A 362 13.54 -0.17 11.57
CA LEU A 362 12.43 0.52 12.20
C LEU A 362 12.60 0.31 13.69
N GLY A 363 11.94 1.12 14.49
CA GLY A 363 11.96 0.92 15.93
C GLY A 363 10.57 0.77 16.46
N ARG A 364 10.40 -0.15 17.40
CA ARG A 364 9.17 -0.26 18.14
C ARG A 364 9.55 -0.34 19.59
N ILE A 365 8.95 0.54 20.38
CA ILE A 365 9.30 0.64 21.81
C ILE A 365 8.14 0.30 22.69
N ARG A 366 8.41 -0.53 23.70
CA ARG A 366 7.48 -0.70 24.80
C ARG A 366 8.22 -0.79 26.16
N ALA A 367 7.45 -0.80 27.25
CA ALA A 367 7.98 -0.92 28.59
C ALA A 367 8.59 -2.30 28.77
N LYS A 368 9.77 -2.37 29.37
CA LYS A 368 10.34 -3.66 29.79
C LYS A 368 9.41 -4.47 30.71
N SER A 369 8.70 -3.79 31.63
CA SER A 369 7.77 -4.45 32.56
C SER A 369 6.43 -3.72 32.71
N ILE A 370 5.32 -4.44 32.56
CA ILE A 370 3.98 -3.82 32.75
C ILE A 370 3.64 -3.59 34.22
N ASN A 371 4.50 -4.10 35.11
CA ASN A 371 4.45 -3.76 36.54
C ASN A 371 5.03 -2.38 36.83
N ASN A 372 5.94 -1.90 35.97
CA ASN A 372 6.50 -0.56 36.10
C ASN A 372 5.55 0.55 35.66
N SER A 373 4.80 1.08 36.62
CA SER A 373 3.83 2.17 36.38
C SER A 373 4.53 3.52 36.26
N LYS A 374 5.84 3.54 36.52
CA LYS A 374 6.65 4.74 36.44
C LYS A 374 7.03 5.08 35.00
N TYR A 375 7.12 4.04 34.15
CA TYR A 375 7.29 4.18 32.68
C TYR A 375 6.26 5.15 32.08
N ASP A 376 6.73 6.05 31.20
CA ASP A 376 5.90 7.12 30.58
C ASP A 376 6.19 7.30 29.07
N PRO A 377 5.23 6.94 28.20
CA PRO A 377 5.43 7.12 26.76
C PRO A 377 5.60 8.58 26.32
N LYS A 378 4.95 9.52 27.01
CA LYS A 378 5.06 10.94 26.66
C LYS A 378 6.47 11.42 26.84
N THR A 379 7.11 11.03 27.93
CA THR A 379 8.46 11.52 28.19
C THR A 379 9.51 10.80 27.29
N ILE A 380 9.20 9.58 26.86
CA ILE A 380 10.08 8.89 25.91
C ILE A 380 10.04 9.59 24.56
N ILE A 381 8.83 9.83 24.02
CA ILE A 381 8.71 10.53 22.73
C ILE A 381 9.48 11.84 22.75
N ALA A 382 9.31 12.62 23.80
CA ALA A 382 9.88 13.99 23.84
C ALA A 382 11.39 13.92 23.92
N ALA A 383 11.89 12.96 24.68
CA ALA A 383 13.35 12.74 24.75
C ALA A 383 13.96 12.30 23.39
N LEU A 384 13.11 11.79 22.49
CA LEU A 384 13.55 11.31 21.17
C LEU A 384 13.27 12.29 20.04
N THR A 385 12.64 13.42 20.36
CA THR A 385 12.14 14.36 19.35
C THR A 385 13.08 15.51 19.10
N CYS A 386 13.59 15.59 17.85
CA CYS A 386 14.43 16.66 17.34
C CYS A 386 15.63 17.00 18.25
N LYS A 387 16.29 15.98 18.79
CA LYS A 387 17.33 16.22 19.79
C LYS A 387 18.71 16.49 19.25
N LYS A 388 19.05 15.92 18.09
CA LYS A 388 20.32 16.21 17.39
C LYS A 388 20.04 16.73 15.97
N PRO A 389 20.90 17.64 15.45
CA PRO A 389 20.64 18.31 14.17
C PRO A 389 20.40 17.39 12.96
N ASP A 390 21.06 16.24 12.91
CA ASP A 390 20.90 15.36 11.75
C ASP A 390 20.20 14.05 12.10
N GLN A 391 19.49 14.03 13.22
CA GLN A 391 18.84 12.85 13.78
C GLN A 391 18.27 11.96 12.67
N HIS A 392 18.63 10.68 12.66
CA HIS A 392 18.28 9.80 11.51
C HIS A 392 17.09 8.85 11.79
N PHE A 393 16.25 9.22 12.75
CA PHE A 393 14.96 8.55 12.95
C PHE A 393 14.01 9.58 13.54
N LYS A 394 12.72 9.32 13.41
CA LYS A 394 11.71 10.22 13.97
C LYS A 394 10.74 9.40 14.77
N PRO A 395 10.53 9.78 16.04
CA PRO A 395 9.53 9.05 16.80
C PRO A 395 8.08 9.44 16.49
N TYR A 396 7.16 8.49 16.62
CA TYR A 396 5.74 8.71 16.46
C TYR A 396 4.95 7.84 17.43
N MET A 397 3.85 8.35 17.97
CA MET A 397 2.81 7.46 18.43
CA MET A 397 2.78 7.48 18.43
C MET A 397 2.29 6.82 17.13
N LYS A 398 1.94 5.53 17.19
CA LYS A 398 1.56 4.81 15.95
C LYS A 398 0.40 5.49 15.19
N GLN A 399 -0.51 6.13 15.91
CA GLN A 399 -1.70 6.72 15.27
C GLN A 399 -1.34 7.98 14.47
N HIS A 400 -0.16 8.54 14.75
CA HIS A 400 0.33 9.70 14.04
C HIS A 400 1.22 9.38 12.85
N LEU A 401 1.59 8.10 12.68
CA LEU A 401 2.28 7.70 11.43
C LEU A 401 1.45 8.10 10.18
N PRO A 402 2.12 8.48 9.06
CA PRO A 402 1.42 8.74 7.78
C PRO A 402 0.40 7.64 7.57
N LYS A 403 -0.81 8.07 7.27
CA LYS A 403 -1.91 7.14 7.04
C LYS A 403 -1.64 6.15 5.90
N ARG A 404 -0.83 6.57 4.92
CA ARG A 404 -0.49 5.71 3.78
C ARG A 404 0.21 4.42 4.19
N LEU A 405 0.83 4.40 5.37
CA LEU A 405 1.54 3.19 5.87
C LEU A 405 0.59 2.13 6.40
N HIS A 406 -0.62 2.54 6.75
CA HIS A 406 -1.63 1.64 7.34
C HIS A 406 -1.05 0.78 8.47
N TYR A 407 -0.32 1.43 9.37
CA TYR A 407 0.46 0.69 10.33
C TYR A 407 0.13 1.07 11.78
N ALA A 408 -1.03 0.66 12.24
CA ALA A 408 -1.41 1.02 13.59
C ALA A 408 -2.41 0.11 14.23
N ASN A 409 -3.39 -0.39 13.46
CA ASN A 409 -4.53 -1.11 14.02
C ASN A 409 -4.23 -2.57 14.30
N ASN A 410 -3.25 -2.82 15.17
CA ASN A 410 -2.97 -4.17 15.60
C ASN A 410 -2.28 -4.09 16.95
N ARG A 411 -2.70 -4.93 17.89
CA ARG A 411 -2.10 -4.93 19.23
C ARG A 411 -0.66 -5.36 19.24
N ARG A 412 -0.17 -5.93 18.12
CA ARG A 412 1.20 -6.38 18.09
C ARG A 412 2.09 -5.21 17.68
N ILE A 413 1.49 -4.08 17.30
CA ILE A 413 2.28 -2.90 16.90
C ILE A 413 2.33 -1.98 18.12
N GLU A 414 3.54 -1.71 18.59
CA GLU A 414 3.76 -0.90 19.78
C GLU A 414 3.32 0.55 19.58
N ASP A 415 2.82 1.15 20.66
CA ASP A 415 2.35 2.52 20.61
C ASP A 415 3.44 3.46 20.13
N ILE A 416 4.68 3.19 20.50
CA ILE A 416 5.74 4.11 20.10
C ILE A 416 6.48 3.49 18.93
N HIS A 417 6.65 4.29 17.87
CA HIS A 417 7.27 3.82 16.63
C HIS A 417 8.36 4.74 16.19
N LEU A 418 9.44 4.20 15.67
CA LEU A 418 10.49 5.05 15.11
C LEU A 418 10.60 4.78 13.61
N LEU A 419 10.36 5.80 12.81
CA LEU A 419 10.60 5.73 11.37
C LEU A 419 12.03 6.08 11.18
N VAL A 420 12.79 5.13 10.64
CA VAL A 420 14.24 5.25 10.52
C VAL A 420 14.58 5.71 9.11
N ASP A 421 15.47 6.70 9.00
CA ASP A 421 15.93 7.15 7.70
C ASP A 421 16.58 6.00 6.91
N ARG A 422 16.37 6.01 5.59
CA ARG A 422 17.03 5.05 4.73
C ARG A 422 18.55 5.11 4.96
N ARG A 423 19.19 3.95 4.88
CA ARG A 423 20.65 3.80 5.04
CA ARG A 423 20.64 3.79 5.05
C ARG A 423 21.05 3.67 6.53
N TRP A 424 20.07 3.81 7.43
CA TRP A 424 20.30 3.81 8.90
C TRP A 424 19.67 2.68 9.67
N HIS A 425 20.22 2.47 10.86
CA HIS A 425 19.69 1.58 11.85
C HIS A 425 19.48 2.36 13.14
N VAL A 426 18.55 1.88 13.94
CA VAL A 426 18.40 2.28 15.33
C VAL A 426 18.65 1.07 16.23
N ALA A 427 19.42 1.28 17.30
CA ALA A 427 19.62 0.23 18.31
C ALA A 427 19.50 0.86 19.71
N ARG A 428 19.30 0.04 20.73
CA ARG A 428 19.10 0.54 22.10
C ARG A 428 20.45 1.04 22.69
N LYS A 429 21.46 0.17 22.67
CA LYS A 429 22.81 0.46 23.22
C LYS A 429 23.86 0.00 22.23
N PRO A 430 25.04 0.67 22.19
CA PRO A 430 26.13 0.23 21.32
C PRO A 430 26.51 -1.25 21.45
N LEU A 431 26.35 -1.84 22.64
CA LEU A 431 26.77 -3.23 22.87
C LEU A 431 25.92 -4.19 22.05
N ASP A 432 24.65 -3.81 21.81
CA ASP A 432 23.72 -4.56 20.92
C ASP A 432 24.26 -4.77 19.48
N VAL A 433 25.06 -3.81 19.00
CA VAL A 433 25.56 -3.81 17.62
C VAL A 433 26.86 -4.60 17.44
N TYR A 434 27.84 -4.46 18.33
CA TYR A 434 29.10 -5.24 18.22
C TYR A 434 29.11 -6.60 18.99
N LYS A 435 28.18 -6.78 19.93
CA LYS A 435 27.90 -8.09 20.58
C LYS A 435 26.52 -8.59 20.10
N LYS A 436 26.47 -9.17 18.89
CA LYS A 436 25.20 -9.60 18.25
C LYS A 436 25.09 -11.13 18.08
N CYS A 441 32.46 -4.80 10.88
CA CYS A 441 31.04 -4.82 10.58
C CYS A 441 30.65 -6.02 9.72
N PHE A 442 29.58 -6.70 10.11
CA PHE A 442 29.06 -7.83 9.35
C PHE A 442 28.44 -7.37 8.01
N PHE A 443 27.29 -6.72 8.08
CA PHE A 443 26.39 -6.50 6.94
C PHE A 443 26.64 -5.20 6.18
N GLN A 444 26.28 -5.19 4.90
CA GLN A 444 26.35 -3.96 4.11
C GLN A 444 25.02 -3.57 3.46
N GLY A 445 24.00 -4.42 3.63
CA GLY A 445 22.66 -4.14 3.09
C GLY A 445 21.57 -4.42 4.11
N ASP A 446 20.43 -3.72 4.04
CA ASP A 446 19.27 -4.14 4.86
C ASP A 446 18.03 -3.51 4.22
N HIS A 447 16.86 -3.84 4.71
CA HIS A 447 15.61 -3.32 4.19
C HIS A 447 14.66 -3.30 5.37
N GLY A 448 13.49 -2.68 5.21
CA GLY A 448 12.54 -2.54 6.31
C GLY A 448 11.97 -1.14 6.36
N PHE A 449 12.63 -0.21 5.70
CA PHE A 449 12.27 1.23 5.69
C PHE A 449 10.88 1.49 5.08
N ASP A 450 10.42 2.73 5.34
CA ASP A 450 9.22 3.34 4.66
C ASP A 450 9.04 2.80 3.22
N ASN A 451 7.85 2.30 2.89
CA ASN A 451 7.67 1.65 1.59
C ASN A 451 7.59 2.56 0.40
N LYS A 452 7.69 3.88 0.62
CA LYS A 452 7.87 4.81 -0.48
C LYS A 452 9.32 4.92 -0.98
N VAL A 453 10.29 4.43 -0.22
CA VAL A 453 11.73 4.62 -0.50
C VAL A 453 12.12 3.85 -1.73
N ASN A 454 12.80 4.51 -2.68
CA ASN A 454 13.12 3.91 -3.97
C ASN A 454 13.87 2.60 -3.85
N SER A 455 14.86 2.56 -2.96
CA SER A 455 15.63 1.33 -2.76
C SER A 455 14.79 0.17 -2.22
N MET A 456 13.63 0.42 -1.60
CA MET A 456 12.79 -0.70 -1.14
C MET A 456 11.83 -1.24 -2.21
N GLN A 457 11.68 -0.56 -3.35
CA GLN A 457 10.75 -1.01 -4.43
C GLN A 457 11.20 -2.35 -5.03
N THR A 458 10.23 -3.17 -5.44
CA THR A 458 10.63 -4.47 -5.90
C THR A 458 10.02 -4.66 -7.29
N VAL A 459 9.82 -5.93 -7.71
CA VAL A 459 9.53 -6.22 -9.13
C VAL A 459 8.21 -6.88 -9.36
N PHE A 460 7.67 -6.68 -10.55
CA PHE A 460 6.55 -7.51 -11.01
C PHE A 460 6.65 -7.75 -12.50
N VAL A 461 6.54 -9.03 -12.89
CA VAL A 461 6.36 -9.39 -14.27
C VAL A 461 5.29 -10.44 -14.32
N GLY A 462 4.36 -10.34 -15.27
CA GLY A 462 3.34 -11.42 -15.47
C GLY A 462 3.49 -11.90 -16.91
N TYR A 463 3.60 -13.20 -17.08
CA TYR A 463 3.81 -13.78 -18.39
C TYR A 463 2.85 -14.94 -18.59
N GLY A 464 2.08 -14.93 -19.68
CA GLY A 464 1.23 -16.10 -19.92
C GLY A 464 0.03 -15.71 -20.74
N PRO A 465 -0.88 -16.66 -21.01
CA PRO A 465 -2.05 -16.44 -21.86
C PRO A 465 -2.98 -15.41 -21.28
N THR A 466 -3.01 -15.27 -19.95
CA THR A 466 -3.95 -14.35 -19.32
C THR A 466 -3.39 -12.92 -19.17
N PHE A 467 -2.09 -12.78 -19.25
CA PHE A 467 -1.45 -11.45 -19.19
C PHE A 467 -1.36 -10.84 -20.58
N LYS A 468 -1.24 -9.53 -20.65
CA LYS A 468 -1.04 -8.88 -21.94
CA LYS A 468 -1.05 -8.86 -21.93
C LYS A 468 0.33 -9.13 -22.51
N TYR A 469 0.46 -8.89 -23.82
CA TYR A 469 1.68 -9.13 -24.58
C TYR A 469 2.52 -7.85 -24.66
N ARG A 470 3.81 -7.95 -24.40
CA ARG A 470 4.73 -6.77 -24.49
C ARG A 470 4.11 -5.49 -23.96
N THR A 471 3.62 -5.50 -22.71
CA THR A 471 2.87 -4.34 -22.17
C THR A 471 3.54 -3.85 -20.91
N LYS A 472 3.73 -2.54 -20.81
CA LYS A 472 4.23 -1.93 -19.60
C LYS A 472 3.05 -1.36 -18.88
N VAL A 473 2.97 -1.60 -17.57
CA VAL A 473 1.88 -0.97 -16.79
C VAL A 473 2.51 -0.04 -15.77
N PRO A 474 1.76 0.94 -15.26
CA PRO A 474 2.30 1.79 -14.18
C PRO A 474 2.60 0.99 -12.88
N PRO A 475 3.50 1.51 -12.04
CA PRO A 475 3.77 0.95 -10.72
C PRO A 475 2.48 0.82 -9.91
N PHE A 476 2.37 -0.23 -9.12
CA PHE A 476 1.18 -0.44 -8.32
C PHE A 476 1.67 -1.14 -7.05
N GLU A 477 0.79 -1.29 -6.06
CA GLU A 477 1.11 -1.83 -4.75
C GLU A 477 0.83 -3.29 -4.71
N ASN A 478 1.67 -4.01 -3.99
CA ASN A 478 1.50 -5.44 -3.90
C ASN A 478 0.22 -5.96 -3.23
N ILE A 479 -0.44 -5.15 -2.38
CA ILE A 479 -1.78 -5.47 -1.86
C ILE A 479 -2.82 -5.77 -2.99
N GLU A 480 -2.54 -5.34 -4.22
CA GLU A 480 -3.53 -5.55 -5.31
C GLU A 480 -3.44 -6.93 -5.94
N LEU A 481 -2.33 -7.65 -5.70
CA LEU A 481 -2.06 -8.86 -6.51
C LEU A 481 -2.94 -10.03 -6.14
N TYR A 482 -3.28 -10.16 -4.85
CA TYR A 482 -4.19 -11.25 -4.44
C TYR A 482 -5.47 -11.33 -5.29
N ASN A 483 -6.17 -10.19 -5.45
CA ASN A 483 -7.35 -10.11 -6.35
C ASN A 483 -7.04 -10.65 -7.77
N VAL A 484 -5.94 -10.21 -8.35
CA VAL A 484 -5.56 -10.65 -9.68
C VAL A 484 -5.25 -12.16 -9.74
N MET A 485 -4.55 -12.67 -8.72
CA MET A 485 -4.26 -14.08 -8.70
C MET A 485 -5.56 -14.87 -8.53
N CYS A 486 -6.51 -14.37 -7.75
CA CYS A 486 -7.84 -14.95 -7.72
C CYS A 486 -8.54 -14.95 -9.09
N ASP A 487 -8.48 -13.82 -9.82
CA ASP A 487 -9.02 -13.70 -11.19
C ASP A 487 -8.36 -14.73 -12.09
N LEU A 488 -7.02 -14.80 -12.02
CA LEU A 488 -6.27 -15.79 -12.82
C LEU A 488 -6.69 -17.22 -12.57
N LEU A 489 -7.24 -17.49 -11.38
CA LEU A 489 -7.66 -18.86 -11.04
C LEU A 489 -9.18 -19.09 -11.02
N GLY A 490 -9.95 -18.09 -11.45
CA GLY A 490 -11.42 -18.15 -11.33
C GLY A 490 -11.92 -18.25 -9.90
N LEU A 491 -11.22 -17.61 -8.93
CA LEU A 491 -11.65 -17.69 -7.53
C LEU A 491 -12.29 -16.37 -7.13
N LYS A 492 -13.21 -16.44 -6.18
CA LYS A 492 -13.76 -15.24 -5.59
C LYS A 492 -12.81 -14.86 -4.42
N PRO A 493 -12.17 -13.67 -4.47
CA PRO A 493 -11.22 -13.32 -3.39
C PRO A 493 -11.92 -13.12 -2.04
N ALA A 494 -11.30 -13.51 -0.95
CA ALA A 494 -11.81 -13.13 0.37
C ALA A 494 -11.69 -11.60 0.52
N PRO A 495 -12.42 -11.00 1.46
CA PRO A 495 -12.35 -9.55 1.61
C PRO A 495 -10.92 -9.06 1.88
N ASN A 496 -10.46 -8.05 1.15
CA ASN A 496 -9.05 -7.66 1.31
C ASN A 496 -8.86 -6.19 1.01
N ASN A 497 -7.62 -5.72 0.94
CA ASN A 497 -7.37 -4.27 0.83
C ASN A 497 -7.08 -3.83 -0.59
N GLY A 498 -7.02 -4.79 -1.51
CA GLY A 498 -6.88 -4.44 -2.90
C GLY A 498 -8.21 -3.74 -3.31
N THR A 499 -8.16 -3.09 -4.45
CA THR A 499 -9.33 -2.49 -5.10
C THR A 499 -9.52 -3.29 -6.38
N HIS A 500 -10.49 -4.19 -6.34
CA HIS A 500 -10.60 -5.21 -7.37
C HIS A 500 -11.09 -4.53 -8.65
N GLY A 501 -10.30 -4.69 -9.71
CA GLY A 501 -10.51 -3.99 -10.95
C GLY A 501 -9.44 -2.95 -11.21
N SER A 502 -8.73 -2.48 -10.17
CA SER A 502 -7.69 -1.51 -10.42
C SER A 502 -6.51 -2.08 -11.26
N LEU A 503 -6.31 -3.41 -11.25
CA LEU A 503 -5.28 -4.04 -12.12
C LEU A 503 -5.84 -4.75 -13.35
N ASN A 504 -7.06 -4.41 -13.76
CA ASN A 504 -7.63 -5.01 -15.01
C ASN A 504 -6.80 -4.76 -16.26
N HIS A 505 -6.09 -3.62 -16.31
CA HIS A 505 -5.25 -3.33 -17.43
C HIS A 505 -4.00 -4.22 -17.52
N LEU A 506 -3.78 -5.11 -16.56
CA LEU A 506 -2.68 -6.09 -16.70
C LEU A 506 -3.06 -7.28 -17.57
N LEU A 507 -4.37 -7.47 -17.71
CA LEU A 507 -4.96 -8.73 -18.14
C LEU A 507 -5.56 -8.65 -19.53
N ARG A 508 -5.29 -9.68 -20.32
CA ARG A 508 -5.90 -9.87 -21.63
C ARG A 508 -7.33 -10.29 -21.48
N THR A 509 -7.62 -11.17 -20.52
CA THR A 509 -8.97 -11.70 -20.32
C THR A 509 -9.15 -11.89 -18.80
N ASN A 510 -10.29 -12.45 -18.39
CA ASN A 510 -10.55 -12.76 -16.94
C ASN A 510 -10.64 -11.48 -16.11
N THR A 511 -10.93 -10.35 -16.77
CA THR A 511 -11.00 -9.10 -16.04
C THR A 511 -12.23 -9.16 -15.13
N PHE A 512 -12.22 -8.34 -14.09
CA PHE A 512 -13.29 -8.36 -13.11
C PHE A 512 -14.02 -7.11 -13.36
N ARG A 513 -15.33 -7.20 -13.56
CA ARG A 513 -16.03 -5.98 -13.99
C ARG A 513 -16.78 -5.38 -12.82
N PRO A 514 -16.12 -4.47 -12.09
CA PRO A 514 -16.73 -3.96 -10.87
C PRO A 514 -17.82 -2.92 -11.19
N THR A 515 -18.78 -2.77 -10.29
CA THR A 515 -19.77 -1.70 -10.38
C THR A 515 -19.46 -0.62 -9.31
N MET A 516 -19.91 0.60 -9.55
CA MET A 516 -19.74 1.65 -8.55
C MET A 516 -20.61 1.32 -7.36
N PRO A 517 -20.13 1.60 -6.15
CA PRO A 517 -20.97 1.36 -4.98
C PRO A 517 -22.22 2.26 -5.01
N ASP A 518 -23.34 1.74 -4.53
CA ASP A 518 -24.56 2.55 -4.52
C ASP A 518 -24.47 3.64 -3.44
N GLU A 519 -24.95 4.83 -3.75
CA GLU A 519 -25.07 5.91 -2.78
C GLU A 519 -26.10 5.47 -1.74
N VAL A 520 -25.80 5.74 -0.48
CA VAL A 520 -26.73 5.31 0.56
C VAL A 520 -27.56 6.52 1.01
N SER A 521 -26.98 7.71 1.08
CA SER A 521 -27.74 8.87 1.53
C SER A 521 -27.79 9.88 0.43
N ARG A 522 -28.99 10.32 0.07
CA ARG A 522 -29.12 11.38 -0.91
C ARG A 522 -29.13 12.74 -0.21
N PRO A 523 -28.59 13.75 -0.88
CA PRO A 523 -28.47 15.00 -0.19
C PRO A 523 -29.79 15.76 -0.15
N ASN A 524 -29.88 16.71 0.78
CA ASN A 524 -30.89 17.76 0.74
C ASN A 524 -30.33 18.93 -0.02
N TYR A 525 -31.19 19.73 -0.65
CA TYR A 525 -30.77 20.95 -1.34
C TYR A 525 -31.52 22.13 -0.70
N PRO A 526 -31.04 22.62 0.47
CA PRO A 526 -31.82 23.68 1.14
C PRO A 526 -31.78 25.01 0.41
N GLY A 527 -32.90 25.73 0.44
CA GLY A 527 -32.92 27.13 -0.03
C GLY A 527 -32.85 28.04 1.20
N ILE A 528 -33.20 29.31 1.03
CA ILE A 528 -33.15 30.27 2.13
C ILE A 528 -34.32 30.04 3.10
N MET A 529 -34.01 29.65 4.33
CA MET A 529 -35.05 29.20 5.26
CA MET A 529 -35.04 29.20 5.27
C MET A 529 -34.98 29.85 6.64
N TYR A 530 -33.98 30.69 6.87
CA TYR A 530 -33.74 31.25 8.22
C TYR A 530 -33.42 32.70 8.11
N LEU A 531 -33.97 33.49 9.00
CA LEU A 531 -33.61 34.90 9.06
C LEU A 531 -32.37 35.03 9.93
N GLN A 532 -31.55 36.02 9.62
CA GLN A 532 -30.30 36.33 10.36
C GLN A 532 -30.51 36.33 11.86
N SER A 533 -31.58 36.98 12.32
CA SER A 533 -31.79 37.15 13.76
C SER A 533 -32.13 35.85 14.50
N GLU A 534 -32.41 34.75 13.80
CA GLU A 534 -32.61 33.46 14.48
C GLU A 534 -31.31 32.83 14.98
N PHE A 535 -30.18 33.37 14.58
CA PHE A 535 -28.91 32.74 14.93
C PHE A 535 -28.38 33.47 16.12
N ASP A 536 -27.99 32.75 17.15
CA ASP A 536 -27.28 33.35 18.23
C ASP A 536 -26.00 32.53 18.43
N LEU A 537 -25.05 32.72 17.52
CA LEU A 537 -23.90 31.85 17.47
C LEU A 537 -22.73 32.61 18.00
N GLY A 538 -22.92 33.90 18.28
CA GLY A 538 -21.83 34.72 18.84
C GLY A 538 -20.85 35.09 17.75
N CYS A 539 -21.27 34.90 16.51
CA CYS A 539 -20.42 35.24 15.37
C CYS A 539 -20.71 36.67 14.99
N THR A 540 -19.70 37.39 14.53
CA THR A 540 -19.92 38.72 13.95
C THR A 540 -19.25 38.77 12.58
N CYS A 541 -19.80 39.58 11.70
CA CYS A 541 -19.12 39.93 10.48
C CYS A 541 -19.37 41.38 10.10
N ASP A 542 -18.33 42.09 9.69
CA ASP A 542 -18.52 43.43 9.12
C ASP A 542 -19.06 43.35 7.66
N ASP A 543 -20.34 43.05 7.48
CA ASP A 543 -20.81 42.78 6.12
C ASP A 543 -22.08 43.49 5.61
N LYS A 544 -22.63 44.39 6.41
CA LYS A 544 -23.87 45.11 6.02
C LYS A 544 -23.62 46.31 5.08
N VAL A 545 -22.84 46.10 4.01
CA VAL A 545 -22.62 47.17 3.01
C VAL A 545 -23.37 46.84 1.70
N GLU A 546 -24.47 47.55 1.48
CA GLU A 546 -25.40 47.34 0.34
C GLU A 546 -25.06 46.14 -0.56
N ASN A 549 -28.84 45.95 -6.58
CA ASN A 549 -28.69 45.94 -8.03
C ASN A 549 -29.46 44.76 -8.66
N LYS A 550 -30.33 45.05 -9.63
CA LYS A 550 -31.09 43.99 -10.35
C LYS A 550 -30.27 43.15 -11.36
N LEU A 551 -29.11 43.65 -11.78
CA LEU A 551 -28.16 42.86 -12.61
C LEU A 551 -27.54 41.73 -11.74
N GLU A 552 -26.95 42.12 -10.61
CA GLU A 552 -26.17 41.20 -9.77
C GLU A 552 -26.95 40.46 -8.66
N GLU A 553 -28.25 40.74 -8.55
CA GLU A 553 -29.14 39.98 -7.64
C GLU A 553 -29.68 38.72 -8.31
N LEU A 554 -30.04 38.82 -9.60
CA LEU A 554 -30.42 37.63 -10.38
C LEU A 554 -29.20 36.69 -10.49
N ASN A 555 -28.04 37.31 -10.75
CA ASN A 555 -26.74 36.65 -10.83
C ASN A 555 -26.33 35.82 -9.57
N LYS A 556 -26.48 36.43 -8.38
CA LYS A 556 -26.14 35.78 -7.09
C LYS A 556 -27.06 34.60 -6.73
N ARG A 557 -28.37 34.75 -7.02
CA ARG A 557 -29.35 33.67 -6.84
C ARG A 557 -29.02 32.45 -7.68
N LEU A 558 -28.57 32.69 -8.92
CA LEU A 558 -28.20 31.61 -9.84
C LEU A 558 -27.00 30.82 -9.28
N HIS A 559 -26.01 31.53 -8.71
CA HIS A 559 -24.82 30.90 -8.10
C HIS A 559 -25.21 30.04 -6.90
N THR A 560 -26.12 30.57 -6.09
CA THR A 560 -26.67 29.83 -4.95
C THR A 560 -27.52 28.64 -5.40
N LYS A 561 -28.00 28.64 -6.65
CA LYS A 561 -28.78 27.50 -7.20
C LYS A 561 -27.92 26.52 -7.99
N GLY A 562 -26.63 26.83 -8.15
CA GLY A 562 -25.71 25.88 -8.76
C GLY A 562 -25.27 26.22 -10.17
N SER A 563 -25.41 27.49 -10.58
CA SER A 563 -24.99 27.92 -11.94
C SER A 563 -23.49 27.67 -12.31
N THR A 564 -22.59 27.81 -11.33
CA THR A 564 -21.16 27.59 -11.57
C THR A 564 -20.73 26.16 -11.18
N LYS A 565 -21.69 25.30 -10.84
CA LYS A 565 -21.35 23.97 -10.28
C LYS A 565 -20.56 23.09 -11.26
N GLU A 566 -20.72 23.32 -12.56
CA GLU A 566 -20.07 22.49 -13.59
C GLU A 566 -18.58 22.83 -13.62
N ARG A 567 -18.25 24.04 -13.17
CA ARG A 567 -16.88 24.50 -13.08
C ARG A 567 -16.18 23.92 -11.82
N HIS A 568 -16.87 23.85 -10.69
CA HIS A 568 -16.20 23.50 -9.42
C HIS A 568 -16.36 22.06 -9.02
N LEU A 569 -17.37 21.41 -9.58
CA LEU A 569 -17.60 20.02 -9.36
C LEU A 569 -17.41 19.28 -10.69
N LEU A 570 -16.17 18.91 -10.98
CA LEU A 570 -15.82 18.43 -12.33
C LEU A 570 -16.10 16.97 -12.60
N TYR A 571 -16.13 16.16 -11.54
CA TYR A 571 -16.26 14.72 -11.66
C TYR A 571 -17.50 14.22 -10.97
N GLY A 572 -18.51 15.08 -10.84
CA GLY A 572 -19.73 14.67 -10.18
C GLY A 572 -19.63 14.84 -8.69
N ARG A 573 -20.76 14.88 -8.00
CA ARG A 573 -20.62 14.97 -6.56
C ARG A 573 -20.21 13.60 -6.00
N PRO A 574 -19.40 13.59 -4.92
CA PRO A 574 -19.03 12.33 -4.27
C PRO A 574 -20.27 11.62 -3.74
N ALA A 575 -20.29 10.29 -3.82
CA ALA A 575 -21.40 9.59 -3.21
C ALA A 575 -21.12 9.31 -1.74
N VAL A 576 -22.13 9.50 -0.89
CA VAL A 576 -22.04 9.18 0.55
C VAL A 576 -22.49 7.76 0.73
N LEU A 577 -21.58 6.87 1.19
CA LEU A 577 -21.87 5.46 1.20
C LEU A 577 -22.29 4.96 2.59
N TYR A 578 -22.79 5.84 3.44
CA TYR A 578 -23.35 5.40 4.72
C TYR A 578 -24.58 6.27 4.99
N ARG A 579 -25.32 5.91 6.04
CA ARG A 579 -26.60 6.56 6.37
CA ARG A 579 -26.59 6.57 6.35
C ARG A 579 -26.35 7.84 7.15
N THR A 580 -26.79 8.97 6.63
CA THR A 580 -26.49 10.26 7.30
C THR A 580 -27.38 11.36 6.77
N SER A 581 -27.29 12.54 7.36
CA SER A 581 -28.11 13.66 6.96
CA SER A 581 -28.10 13.66 6.92
C SER A 581 -27.19 14.77 6.47
N TYR A 582 -27.28 15.14 5.19
CA TYR A 582 -26.39 16.21 4.72
C TYR A 582 -27.03 17.04 3.64
N ASP A 583 -26.50 18.23 3.43
CA ASP A 583 -27.04 19.18 2.47
C ASP A 583 -25.97 19.49 1.45
N ILE A 584 -26.36 19.61 0.18
CA ILE A 584 -25.51 20.29 -0.80
C ILE A 584 -25.70 21.80 -0.73
N LEU A 585 -24.58 22.52 -0.65
CA LEU A 585 -24.54 23.98 -0.66
C LEU A 585 -23.73 24.48 -1.86
N TYR A 586 -24.37 25.31 -2.67
CA TYR A 586 -23.73 25.90 -3.86
C TYR A 586 -23.26 27.29 -3.55
N HIS A 587 -22.17 27.68 -4.19
CA HIS A 587 -21.62 29.05 -4.11
C HIS A 587 -20.95 29.37 -5.42
N THR A 588 -20.70 30.66 -5.64
CA THR A 588 -19.97 31.09 -6.86
C THR A 588 -18.68 30.33 -7.06
N ASP A 589 -17.89 30.19 -5.99
CA ASP A 589 -16.51 29.66 -6.09
C ASP A 589 -16.29 28.22 -5.63
N PHE A 590 -17.32 27.65 -5.00
CA PHE A 590 -17.20 26.33 -4.44
C PHE A 590 -18.54 25.72 -4.14
N GLU A 591 -18.50 24.40 -4.03
CA GLU A 591 -19.68 23.59 -3.72
CA GLU A 591 -19.69 23.61 -3.72
C GLU A 591 -19.31 22.69 -2.56
N SER A 592 -20.25 22.48 -1.64
CA SER A 592 -19.96 21.58 -0.52
C SER A 592 -21.11 20.60 -0.18
N GLY A 593 -20.73 19.52 0.50
CA GLY A 593 -21.67 18.55 1.03
C GLY A 593 -21.57 18.75 2.54
N TYR A 594 -22.58 19.39 3.14
CA TYR A 594 -22.53 19.85 4.57
C TYR A 594 -23.26 18.85 5.50
N SER A 595 -22.54 18.31 6.47
CA SER A 595 -23.11 17.28 7.33
C SER A 595 -23.82 17.95 8.50
N GLU A 596 -25.11 17.65 8.67
CA GLU A 596 -25.88 18.20 9.76
C GLU A 596 -25.54 17.45 11.05
N ILE A 597 -24.95 16.27 10.89
CA ILE A 597 -24.51 15.48 12.05
C ILE A 597 -23.16 15.95 12.61
N PHE A 598 -22.16 16.18 11.75
CA PHE A 598 -20.83 16.55 12.23
C PHE A 598 -20.64 18.05 12.26
N LEU A 599 -21.68 18.77 11.80
CA LEU A 599 -21.74 20.24 11.74
C LEU A 599 -20.64 20.91 10.90
N MET A 600 -20.22 20.27 9.81
CA MET A 600 -19.20 20.84 8.92
C MET A 600 -19.29 20.04 7.63
N PRO A 601 -18.62 20.50 6.57
CA PRO A 601 -18.64 19.75 5.32
C PRO A 601 -17.91 18.42 5.47
N LEU A 602 -18.45 17.40 4.80
CA LEU A 602 -17.75 16.18 4.59
C LEU A 602 -16.81 16.38 3.41
N TRP A 603 -17.18 17.28 2.51
CA TRP A 603 -16.34 17.58 1.35
C TRP A 603 -16.64 18.98 0.88
N THR A 604 -15.66 19.63 0.27
CA THR A 604 -15.79 20.94 -0.34
C THR A 604 -14.99 20.88 -1.65
N SER A 605 -15.63 21.25 -2.78
CA SER A 605 -15.06 21.11 -4.12
C SER A 605 -14.92 22.49 -4.80
N TYR A 606 -13.75 22.74 -5.36
CA TYR A 606 -13.51 24.03 -6.07
C TYR A 606 -12.43 23.90 -7.11
N THR A 607 -12.52 24.68 -8.18
CA THR A 607 -11.53 24.60 -9.25
C THR A 607 -10.83 25.95 -9.35
N ILE A 608 -9.51 25.91 -9.45
CA ILE A 608 -8.61 27.08 -9.52
C ILE A 608 -7.90 26.97 -10.86
N SER A 609 -8.24 27.88 -11.77
CA SER A 609 -7.63 27.87 -13.10
C SER A 609 -6.18 28.39 -13.03
N LYS A 610 -5.40 28.13 -14.09
CA LYS A 610 -4.01 28.62 -14.14
C LYS A 610 -3.90 30.13 -13.96
N GLN A 611 -4.88 30.83 -14.52
CA GLN A 611 -4.94 32.30 -14.51
C GLN A 611 -5.41 32.89 -13.16
N ALA A 612 -5.95 32.07 -12.26
CA ALA A 612 -6.57 32.62 -11.02
C ALA A 612 -5.61 33.46 -10.21
N GLU A 613 -6.20 34.42 -9.48
CA GLU A 613 -5.45 35.34 -8.64
C GLU A 613 -5.65 35.04 -7.14
N VAL A 614 -4.59 35.22 -6.37
CA VAL A 614 -4.61 35.12 -4.92
C VAL A 614 -4.79 36.52 -4.40
N SER A 615 -5.74 36.68 -3.46
CA SER A 615 -5.94 37.95 -2.79
C SER A 615 -5.79 37.69 -1.31
N SER A 616 -5.89 38.72 -0.50
CA SER A 616 -5.77 38.53 0.95
C SER A 616 -7.14 38.66 1.60
N ILE A 617 -7.22 38.31 2.89
CA ILE A 617 -8.41 38.59 3.67
C ILE A 617 -8.35 40.06 4.12
N PRO A 618 -9.22 40.91 3.56
CA PRO A 618 -9.33 42.33 3.93
C PRO A 618 -9.43 42.49 5.44
N GLU A 619 -8.94 43.63 5.94
CA GLU A 619 -8.83 43.87 7.39
C GLU A 619 -10.17 43.81 8.08
N HIS A 620 -11.20 44.38 7.44
CA HIS A 620 -12.53 44.45 8.04
C HIS A 620 -13.18 43.05 8.12
N LEU A 621 -12.63 42.09 7.39
CA LEU A 621 -13.15 40.71 7.38
C LEU A 621 -12.30 39.68 8.16
N THR A 622 -11.29 40.13 8.89
CA THR A 622 -10.35 39.21 9.58
C THR A 622 -11.05 38.14 10.42
N ASN A 623 -11.99 38.56 11.27
CA ASN A 623 -12.64 37.65 12.21
C ASN A 623 -14.10 37.39 11.82
N CYS A 624 -14.42 37.68 10.58
CA CYS A 624 -15.80 37.58 10.11
C CYS A 624 -16.27 36.12 10.01
N VAL A 625 -17.36 35.78 10.68
CA VAL A 625 -18.06 34.51 10.41
C VAL A 625 -19.54 34.82 10.21
N ARG A 626 -20.16 34.29 9.16
CA ARG A 626 -21.52 34.66 8.78
C ARG A 626 -22.43 33.45 8.90
N PRO A 627 -23.59 33.61 9.59
CA PRO A 627 -24.62 32.56 9.52
C PRO A 627 -25.02 32.22 8.08
N ASP A 628 -25.34 30.96 7.85
CA ASP A 628 -25.79 30.49 6.55
C ASP A 628 -27.30 30.29 6.62
N VAL A 629 -28.06 31.14 5.93
CA VAL A 629 -29.53 31.18 6.06
C VAL A 629 -30.20 29.98 5.39
N ARG A 630 -29.40 29.12 4.77
CA ARG A 630 -29.91 27.84 4.31
C ARG A 630 -29.90 26.72 5.37
N VAL A 631 -29.21 26.93 6.48
CA VAL A 631 -28.90 25.86 7.45
C VAL A 631 -29.31 26.30 8.86
N SER A 632 -30.07 25.47 9.56
CA SER A 632 -30.64 25.90 10.85
CA SER A 632 -30.63 25.84 10.86
C SER A 632 -29.55 26.24 11.88
N PRO A 633 -29.84 27.21 12.78
CA PRO A 633 -28.92 27.50 13.88
C PRO A 633 -28.53 26.21 14.62
N GLY A 634 -29.50 25.30 14.81
CA GLY A 634 -29.29 24.07 15.55
C GLY A 634 -28.36 23.09 14.86
N PHE A 635 -28.15 23.25 13.55
CA PHE A 635 -27.20 22.43 12.80
C PHE A 635 -25.96 23.21 12.36
N SER A 636 -25.63 24.24 13.11
CA SER A 636 -24.51 25.09 12.74
C SER A 636 -23.49 25.06 13.86
N GLN A 637 -22.24 25.37 13.51
CA GLN A 637 -21.25 25.69 14.51
C GLN A 637 -21.53 27.06 15.17
N ASN A 638 -20.78 27.39 16.18
CA ASN A 638 -20.94 28.69 16.82
C ASN A 638 -19.61 29.24 17.26
N CYS A 639 -19.47 30.56 17.16
CA CYS A 639 -18.20 31.24 17.41
C CYS A 639 -17.81 31.27 18.87
N LEU A 640 -18.80 31.28 19.75
CA LEU A 640 -18.55 31.30 21.18
C LEU A 640 -17.75 30.09 21.63
N ALA A 641 -18.09 28.92 21.11
CA ALA A 641 -17.32 27.71 21.42
C ALA A 641 -15.83 27.91 21.13
N TYR A 642 -15.48 28.52 19.98
CA TYR A 642 -14.07 28.78 19.65
C TYR A 642 -13.43 29.80 20.59
N LYS A 643 -14.20 30.81 20.95
CA LYS A 643 -13.71 31.80 21.91
C LYS A 643 -13.38 31.13 23.24
N ASN A 644 -14.31 30.30 23.73
CA ASN A 644 -14.12 29.60 25.01
C ASN A 644 -13.01 28.57 25.02
N ASP A 645 -12.83 27.87 23.89
CA ASP A 645 -11.77 26.88 23.75
C ASP A 645 -10.46 27.56 23.46
N LYS A 646 -9.64 27.63 24.51
CA LYS A 646 -8.36 28.29 24.44
C LYS A 646 -7.33 27.54 23.59
N GLN A 647 -7.51 26.24 23.37
CA GLN A 647 -6.61 25.45 22.50
C GLN A 647 -7.02 25.46 21.03
N MET A 648 -8.30 25.69 20.77
CA MET A 648 -8.87 25.43 19.45
C MET A 648 -9.25 26.71 18.73
N SER A 649 -8.78 26.83 17.50
CA SER A 649 -9.19 27.92 16.66
C SER A 649 -9.97 27.33 15.47
N TYR A 650 -10.11 28.05 14.36
CA TYR A 650 -10.83 27.55 13.21
C TYR A 650 -10.19 27.97 11.90
N GLY A 651 -10.51 27.24 10.84
CA GLY A 651 -10.02 27.55 9.49
C GLY A 651 -11.20 27.35 8.54
N PHE A 652 -10.96 27.51 7.24
CA PHE A 652 -12.01 27.38 6.23
C PHE A 652 -11.61 26.35 5.23
N LEU A 653 -12.60 25.61 4.72
CA LEU A 653 -12.25 24.60 3.72
C LEU A 653 -12.00 25.19 2.34
N PHE A 654 -12.94 26.00 1.86
CA PHE A 654 -12.66 26.79 0.66
C PHE A 654 -11.91 28.04 1.14
N PRO A 655 -10.70 28.25 0.61
CA PRO A 655 -9.86 29.33 1.18
C PRO A 655 -10.35 30.73 0.73
N PRO A 656 -10.61 31.66 1.68
CA PRO A 656 -10.97 33.01 1.24
C PRO A 656 -9.93 33.65 0.28
N TYR A 657 -8.67 33.22 0.36
CA TYR A 657 -7.62 33.79 -0.50
C TYR A 657 -7.88 33.60 -1.97
N LEU A 658 -8.69 32.60 -2.33
CA LEU A 658 -8.88 32.27 -3.73
C LEU A 658 -10.25 32.66 -4.30
N SER A 659 -10.95 33.49 -3.55
CA SER A 659 -12.23 34.04 -3.99
C SER A 659 -12.10 34.73 -5.37
N SER A 660 -13.14 34.61 -6.18
CA SER A 660 -13.09 35.13 -7.56
C SER A 660 -13.34 36.66 -7.65
N SER A 661 -13.91 37.24 -6.60
CA SER A 661 -14.28 38.68 -6.58
C SER A 661 -14.52 39.04 -5.12
N PRO A 662 -14.32 40.34 -4.76
CA PRO A 662 -14.60 40.84 -3.41
C PRO A 662 -15.99 40.41 -2.88
N GLU A 663 -17.00 40.42 -3.73
CA GLU A 663 -18.34 39.98 -3.28
C GLU A 663 -18.42 38.46 -3.04
N ALA A 664 -17.80 37.67 -3.91
CA ALA A 664 -17.83 36.20 -3.71
C ALA A 664 -17.09 35.84 -2.42
N LYS A 665 -16.06 36.63 -2.09
CA LYS A 665 -15.31 36.38 -0.85
C LYS A 665 -16.17 36.23 0.41
N TYR A 666 -17.31 36.94 0.50
CA TYR A 666 -18.23 36.77 1.65
C TYR A 666 -18.71 35.37 1.84
N ASP A 667 -18.89 34.64 0.73
CA ASP A 667 -19.26 33.22 0.81
C ASP A 667 -18.26 32.40 1.60
N ALA A 668 -16.98 32.74 1.48
CA ALA A 668 -15.93 31.90 2.11
C ALA A 668 -15.99 32.04 3.64
N PHE A 669 -16.70 33.05 4.13
CA PHE A 669 -16.76 33.26 5.57
C PHE A 669 -18.03 32.66 6.24
N LEU A 670 -18.84 31.95 5.46
CA LEU A 670 -20.01 31.28 6.02
C LEU A 670 -19.62 30.28 7.06
N VAL A 671 -20.49 30.16 8.06
CA VAL A 671 -20.25 29.29 9.21
C VAL A 671 -20.25 27.84 8.74
N THR A 672 -20.88 27.59 7.60
CA THR A 672 -20.89 26.27 7.01
C THR A 672 -19.59 25.88 6.26
N ASN A 673 -18.63 26.81 6.11
CA ASN A 673 -17.35 26.53 5.45
C ASN A 673 -16.24 26.44 6.55
N MET A 674 -16.59 26.66 7.83
CA MET A 674 -15.65 26.68 8.97
CA MET A 674 -15.57 26.66 8.89
C MET A 674 -15.35 25.28 9.51
N VAL A 675 -14.11 25.05 9.95
CA VAL A 675 -13.73 23.79 10.54
C VAL A 675 -12.78 24.04 11.70
N PRO A 676 -12.76 23.13 12.69
CA PRO A 676 -11.92 23.36 13.86
C PRO A 676 -10.47 23.07 13.53
N MET A 677 -9.60 24.01 13.91
CA MET A 677 -8.17 23.88 13.65
C MET A 677 -7.35 24.45 14.81
N TYR A 678 -6.46 23.64 15.34
CA TYR A 678 -5.42 24.09 16.26
C TYR A 678 -4.60 25.17 15.59
N PRO A 679 -4.16 26.20 16.37
CA PRO A 679 -3.30 27.23 15.78
C PRO A 679 -2.05 26.68 15.09
N ALA A 680 -1.46 25.62 15.64
CA ALA A 680 -0.26 25.08 15.04
C ALA A 680 -0.60 24.52 13.64
N PHE A 681 -1.73 23.83 13.55
CA PHE A 681 -2.15 23.30 12.27
C PHE A 681 -2.51 24.39 11.27
N LYS A 682 -3.05 25.51 11.76
CA LYS A 682 -3.41 26.60 10.86
C LYS A 682 -2.22 27.15 10.10
N ARG A 683 -1.05 27.12 10.70
CA ARG A 683 0.19 27.48 9.93
C ARG A 683 0.38 26.63 8.68
N VAL A 684 0.14 25.33 8.83
CA VAL A 684 0.20 24.37 7.71
C VAL A 684 -0.88 24.67 6.66
N TRP A 685 -2.12 24.65 7.12
CA TRP A 685 -3.30 24.82 6.29
C TRP A 685 -3.25 26.15 5.49
N ALA A 686 -2.92 27.24 6.18
CA ALA A 686 -2.85 28.57 5.57
C ALA A 686 -1.79 28.65 4.47
N TYR A 687 -0.65 28.00 4.68
CA TYR A 687 0.36 28.00 3.66
C TYR A 687 -0.10 27.16 2.46
N PHE A 688 -0.73 26.03 2.74
CA PHE A 688 -1.31 25.22 1.67
C PHE A 688 -2.28 26.05 0.82
N GLN A 689 -3.20 26.74 1.47
CA GLN A 689 -4.28 27.43 0.76
C GLN A 689 -3.82 28.74 0.07
N ARG A 690 -2.91 29.47 0.72
CA ARG A 690 -2.46 30.76 0.22
C ARG A 690 -1.40 30.60 -0.87
N VAL A 691 -0.47 29.66 -0.70
CA VAL A 691 0.67 29.51 -1.61
C VAL A 691 0.57 28.28 -2.52
N LEU A 692 0.33 27.11 -1.94
CA LEU A 692 0.52 25.90 -2.70
C LEU A 692 -0.58 25.63 -3.71
N VAL A 693 -1.83 25.93 -3.38
CA VAL A 693 -2.92 25.68 -4.35
C VAL A 693 -2.61 26.45 -5.67
N LYS A 694 -2.29 27.73 -5.53
CA LYS A 694 -1.98 28.52 -6.72
CA LYS A 694 -1.92 28.57 -6.67
C LYS A 694 -0.73 27.95 -7.44
N LYS A 695 0.28 27.50 -6.68
CA LYS A 695 1.46 26.90 -7.32
C LYS A 695 1.13 25.71 -8.17
N TYR A 696 0.31 24.82 -7.61
CA TYR A 696 -0.11 23.65 -8.35
C TYR A 696 -0.95 24.03 -9.56
N ALA A 697 -1.83 25.02 -9.43
CA ALA A 697 -2.69 25.39 -10.54
C ALA A 697 -1.80 25.91 -11.67
N SER A 698 -0.76 26.65 -11.29
CA SER A 698 0.21 27.19 -12.24
CA SER A 698 0.21 27.19 -12.24
C SER A 698 0.94 26.07 -12.99
N GLU A 699 1.47 25.10 -12.24
CA GLU A 699 2.25 23.99 -12.75
C GLU A 699 1.42 22.95 -13.48
N ARG A 700 0.15 22.79 -13.12
CA ARG A 700 -0.67 21.69 -13.63
C ARG A 700 -1.73 22.14 -14.61
N ASN A 701 -1.77 23.46 -14.81
CA ASN A 701 -2.73 24.10 -15.73
C ASN A 701 -4.16 23.99 -15.19
N GLY A 702 -4.35 24.58 -14.00
CA GLY A 702 -5.61 24.46 -13.30
C GLY A 702 -5.57 23.21 -12.44
N VAL A 703 -6.21 23.31 -11.27
CA VAL A 703 -6.54 22.12 -10.49
C VAL A 703 -7.94 22.21 -9.96
N ASN A 704 -8.52 21.03 -9.78
CA ASN A 704 -9.72 20.88 -9.03
C ASN A 704 -9.30 20.34 -7.67
N VAL A 705 -9.80 20.96 -6.61
CA VAL A 705 -9.48 20.56 -5.24
C VAL A 705 -10.75 20.11 -4.51
N ILE A 706 -10.70 18.93 -3.91
CA ILE A 706 -11.71 18.55 -2.93
C ILE A 706 -11.05 18.41 -1.58
N SER A 707 -11.51 19.18 -0.59
CA SER A 707 -10.96 19.07 0.75
C SER A 707 -12.01 18.69 1.77
N GLY A 708 -11.58 18.16 2.91
CA GLY A 708 -12.53 17.86 3.97
C GLY A 708 -11.87 17.37 5.26
N PRO A 709 -12.68 17.11 6.31
CA PRO A 709 -12.18 16.58 7.55
C PRO A 709 -12.14 15.05 7.49
N ILE A 710 -11.26 14.47 8.30
CA ILE A 710 -11.32 13.04 8.56
C ILE A 710 -11.39 12.76 10.07
N PHE A 711 -12.21 11.79 10.47
CA PHE A 711 -12.20 11.37 11.88
C PHE A 711 -11.84 9.91 12.03
N ASP A 712 -10.68 9.63 12.60
CA ASP A 712 -10.24 8.25 12.75
C ASP A 712 -9.62 8.11 14.15
N TYR A 713 -10.44 8.35 15.19
CA TYR A 713 -9.96 8.22 16.56
C TYR A 713 -9.50 6.80 16.98
N ASN A 714 -10.04 5.74 16.39
CA ASN A 714 -9.54 4.41 16.74
C ASN A 714 -8.49 3.87 15.72
N TYR A 715 -7.95 4.76 14.89
CA TYR A 715 -6.85 4.47 13.95
C TYR A 715 -6.98 3.15 13.17
N ASP A 716 -8.18 2.86 12.70
CA ASP A 716 -8.37 1.64 11.93
C ASP A 716 -8.43 1.90 10.40
N GLY A 717 -8.18 3.15 10.02
CA GLY A 717 -8.15 3.51 8.61
C GLY A 717 -9.56 3.71 8.07
N LEU A 718 -10.58 3.61 8.93
CA LEU A 718 -11.96 3.68 8.49
C LEU A 718 -12.72 4.82 9.14
N ARG A 719 -13.65 5.44 8.41
CA ARG A 719 -14.49 6.51 8.93
C ARG A 719 -15.07 6.22 10.34
N ASP A 720 -14.89 7.12 11.29
CA ASP A 720 -15.58 6.97 12.60
C ASP A 720 -17.07 7.26 12.53
N THR A 721 -17.86 6.49 13.28
CA THR A 721 -19.23 6.90 13.55
C THR A 721 -19.18 8.02 14.62
N GLU A 722 -20.27 8.76 14.80
CA GLU A 722 -20.27 9.89 15.75
C GLU A 722 -19.94 9.50 17.18
N ASP A 723 -20.34 8.30 17.59
CA ASP A 723 -20.10 7.82 18.94
C ASP A 723 -18.67 7.34 19.18
N GLU A 724 -17.82 7.46 18.16
CA GLU A 724 -16.38 7.14 18.27
C GLU A 724 -15.46 8.36 18.46
N ILE A 725 -16.05 9.56 18.41
CA ILE A 725 -15.30 10.82 18.51
C ILE A 725 -14.84 11.11 19.94
N LYS A 726 -13.54 11.29 20.11
CA LYS A 726 -12.98 11.49 21.45
C LYS A 726 -12.78 12.94 21.83
N GLN A 727 -12.92 13.87 20.88
CA GLN A 727 -12.65 15.27 21.21
C GLN A 727 -13.61 16.20 20.47
N TYR A 728 -14.09 17.21 21.20
CA TYR A 728 -15.09 18.17 20.72
C TYR A 728 -14.53 19.54 21.03
N VAL A 729 -14.93 20.54 20.26
CA VAL A 729 -14.63 21.92 20.62
C VAL A 729 -15.34 22.18 21.95
N GLU A 730 -14.62 22.78 22.88
CA GLU A 730 -15.03 22.86 24.29
C GLU A 730 -16.43 23.39 24.44
N GLY A 731 -17.25 22.63 25.15
CA GLY A 731 -18.61 23.03 25.47
C GLY A 731 -19.57 22.98 24.31
N SER A 732 -19.26 22.21 23.26
CA SER A 732 -20.12 22.14 22.07
C SER A 732 -20.15 20.74 21.57
N SER A 733 -20.96 20.54 20.57
CA SER A 733 -21.04 19.26 19.90
C SER A 733 -20.29 19.27 18.57
N ILE A 734 -19.34 20.18 18.46
CA ILE A 734 -18.52 20.29 17.25
C ILE A 734 -17.34 19.30 17.38
N PRO A 735 -17.31 18.22 16.57
CA PRO A 735 -16.26 17.20 16.68
C PRO A 735 -14.93 17.65 16.06
N VAL A 736 -13.80 17.24 16.64
CA VAL A 736 -12.53 17.71 16.18
C VAL A 736 -11.98 16.64 15.20
N PRO A 737 -11.66 17.05 13.97
CA PRO A 737 -11.05 16.05 13.06
C PRO A 737 -9.68 15.58 13.56
N THR A 738 -9.31 14.34 13.25
CA THR A 738 -7.97 13.83 13.50
C THR A 738 -7.09 14.21 12.29
N HIS A 739 -7.68 14.46 11.13
CA HIS A 739 -6.91 14.73 9.91
C HIS A 739 -7.70 15.64 8.98
N TYR A 740 -6.98 16.33 8.10
CA TYR A 740 -7.60 17.02 6.97
C TYR A 740 -7.04 16.49 5.65
N TYR A 741 -7.94 16.17 4.69
CA TYR A 741 -7.51 15.68 3.37
C TYR A 741 -7.64 16.72 2.28
N SER A 742 -6.92 16.53 1.18
CA SER A 742 -7.23 17.23 -0.07
C SER A 742 -6.90 16.32 -1.22
N ILE A 743 -7.78 16.32 -2.22
CA ILE A 743 -7.58 15.58 -3.46
C ILE A 743 -7.47 16.61 -4.56
N ILE A 744 -6.35 16.56 -5.28
CA ILE A 744 -6.03 17.63 -6.23
C ILE A 744 -5.89 17.02 -7.63
N THR A 745 -6.88 17.32 -8.47
CA THR A 745 -7.01 16.65 -9.75
C THR A 745 -6.79 17.66 -10.91
N SER A 746 -6.13 17.18 -11.96
CA SER A 746 -5.95 17.98 -13.18
C SER A 746 -5.90 17.04 -14.40
N CYS A 747 -5.69 17.61 -15.58
CA CYS A 747 -5.62 16.82 -16.80
C CYS A 747 -4.24 16.20 -16.93
N LEU A 748 -4.18 14.92 -17.29
CA LEU A 748 -2.87 14.26 -17.40
C LEU A 748 -2.09 14.96 -18.54
N ASP A 749 -2.82 15.31 -19.59
CA ASP A 749 -2.27 16.17 -20.66
C ASP A 749 -2.41 17.61 -20.22
N PHE A 750 -1.34 18.14 -19.62
CA PHE A 750 -1.36 19.47 -19.01
C PHE A 750 -1.44 20.64 -20.00
N THR A 751 -1.50 20.31 -21.30
CA THR A 751 -1.81 21.33 -22.32
C THR A 751 -3.30 21.60 -22.34
N GLN A 752 -4.09 20.76 -21.66
CA GLN A 752 -5.50 21.09 -21.46
C GLN A 752 -5.79 21.56 -20.04
N PRO A 753 -6.63 22.61 -19.90
CA PRO A 753 -6.88 23.08 -18.56
C PRO A 753 -7.70 22.06 -17.74
N ALA A 754 -7.57 22.09 -16.42
CA ALA A 754 -8.29 21.12 -15.56
C ALA A 754 -9.79 21.04 -15.88
N ASP A 755 -10.43 22.21 -16.05
CA ASP A 755 -11.86 22.27 -16.37
C ASP A 755 -12.28 21.92 -17.82
N LYS A 756 -11.34 21.66 -18.71
CA LYS A 756 -11.68 21.27 -20.08
C LYS A 756 -10.78 20.13 -20.54
N CYS A 757 -10.78 19.04 -19.77
CA CYS A 757 -9.85 17.92 -20.01
C CYS A 757 -10.56 16.83 -20.79
N ASP A 758 -10.02 16.40 -21.92
CA ASP A 758 -10.72 15.40 -22.74
C ASP A 758 -10.34 13.95 -22.48
N GLY A 759 -9.26 13.72 -21.75
CA GLY A 759 -8.77 12.35 -21.54
C GLY A 759 -8.47 12.01 -20.09
N PRO A 760 -7.41 11.22 -19.86
CA PRO A 760 -7.03 10.75 -18.54
C PRO A 760 -6.68 11.86 -17.55
N LEU A 761 -6.95 11.57 -16.27
CA LEU A 761 -6.72 12.53 -15.19
C LEU A 761 -5.37 12.31 -14.54
N SER A 762 -4.93 13.32 -13.80
CA SER A 762 -3.75 13.22 -12.96
C SER A 762 -4.17 13.64 -11.52
N VAL A 763 -3.70 12.95 -10.48
CA VAL A 763 -4.17 13.28 -9.11
C VAL A 763 -3.00 13.22 -8.16
N SER A 764 -3.00 14.08 -7.14
CA SER A 764 -2.19 13.86 -5.95
C SER A 764 -3.08 14.25 -4.74
N SER A 765 -2.89 13.58 -3.63
CA SER A 765 -3.76 13.78 -2.47
C SER A 765 -2.90 13.73 -1.27
N PHE A 766 -3.45 14.20 -0.16
CA PHE A 766 -2.76 14.06 1.13
C PHE A 766 -3.76 13.92 2.27
N ILE A 767 -3.28 13.37 3.38
CA ILE A 767 -4.07 13.25 4.59
C ILE A 767 -3.20 13.83 5.71
N LEU A 768 -3.41 15.08 6.06
CA LEU A 768 -2.52 15.73 7.03
C LEU A 768 -3.07 15.50 8.42
N PRO A 769 -2.20 15.11 9.36
CA PRO A 769 -2.64 14.95 10.73
C PRO A 769 -2.97 16.31 11.34
N HIS A 770 -4.08 16.37 12.06
CA HIS A 770 -4.56 17.61 12.66
C HIS A 770 -3.95 17.67 14.08
N ARG A 771 -2.75 18.21 14.19
CA ARG A 771 -2.03 18.11 15.48
C ARG A 771 -1.87 19.47 16.14
N PRO A 772 -1.90 19.53 17.50
CA PRO A 772 -1.82 20.80 18.21
C PRO A 772 -0.41 21.34 18.32
N ASP A 773 0.58 20.62 17.79
CA ASP A 773 1.93 21.13 17.75
C ASP A 773 2.50 20.68 16.41
N ASN A 774 3.62 21.29 16.04
CA ASN A 774 4.41 20.85 14.90
C ASN A 774 5.69 20.11 15.31
N ASP A 775 5.59 19.30 16.35
CA ASP A 775 6.77 18.54 16.79
C ASP A 775 7.30 17.61 15.72
N GLU A 776 6.41 17.09 14.89
CA GLU A 776 6.82 16.28 13.75
C GLU A 776 7.83 16.97 12.81
N SER A 777 7.69 18.27 12.61
CA SER A 777 8.57 19.03 11.74
C SER A 777 9.69 19.77 12.53
N CYS A 778 10.90 19.22 12.49
CA CYS A 778 12.02 19.73 13.28
C CYS A 778 12.43 21.16 12.92
N ASN A 779 12.14 21.59 11.69
CA ASN A 779 12.41 22.95 11.21
CA ASN A 779 12.44 22.96 11.29
C ASN A 779 11.22 23.88 11.29
N SER A 780 10.19 23.52 12.08
CA SER A 780 8.96 24.33 12.09
C SER A 780 9.04 25.76 12.64
N SER A 781 10.10 26.12 13.35
CA SER A 781 10.24 27.51 13.81
CA SER A 781 10.25 27.51 13.81
C SER A 781 10.55 28.40 12.62
N GLU A 782 10.98 27.79 11.51
CA GLU A 782 11.30 28.55 10.32
C GLU A 782 10.05 28.90 9.49
N ASP A 783 10.25 29.63 8.40
CA ASP A 783 9.14 30.03 7.57
C ASP A 783 8.49 28.79 6.93
N GLU A 784 7.16 28.76 6.92
CA GLU A 784 6.39 27.64 6.32
C GLU A 784 6.95 27.15 4.97
N SER A 785 7.53 28.06 4.17
CA SER A 785 8.17 27.68 2.91
C SER A 785 9.39 26.72 3.01
N LYS A 786 9.90 26.51 4.23
CA LYS A 786 11.01 25.57 4.50
C LYS A 786 10.56 24.21 5.05
N TRP A 787 9.29 24.06 5.43
CA TRP A 787 8.90 22.82 6.05
C TRP A 787 7.54 22.29 5.69
N VAL A 788 6.62 23.17 5.25
CA VAL A 788 5.25 22.73 5.10
C VAL A 788 5.06 21.73 3.98
N GLU A 789 5.61 22.08 2.82
CA GLU A 789 5.44 21.22 1.68
C GLU A 789 6.07 19.85 1.93
N GLU A 790 7.23 19.82 2.63
CA GLU A 790 7.89 18.57 3.06
C GLU A 790 6.94 17.69 3.92
N LEU A 791 6.21 18.34 4.83
CA LEU A 791 5.24 17.62 5.68
C LEU A 791 4.10 17.03 4.83
N MET A 792 3.55 17.84 3.95
CA MET A 792 2.48 17.39 3.04
C MET A 792 2.92 16.19 2.23
N LYS A 793 4.15 16.23 1.71
CA LYS A 793 4.72 15.12 0.93
C LYS A 793 4.82 13.83 1.72
N MET A 794 5.22 13.94 2.99
CA MET A 794 5.31 12.81 3.90
CA MET A 794 5.33 12.77 3.84
C MET A 794 3.97 12.14 4.08
N HIS A 795 2.90 12.95 4.02
CA HIS A 795 1.53 12.50 4.26
C HIS A 795 0.68 12.42 2.95
N THR A 796 1.39 12.14 1.86
CA THR A 796 0.79 11.88 0.60
C THR A 796 -0.12 10.66 0.75
N ALA A 797 -1.20 10.57 -0.04
CA ALA A 797 -2.14 9.50 0.13
C ALA A 797 -2.80 9.12 -1.20
N ARG A 798 -3.45 7.95 -1.22
CA ARG A 798 -4.24 7.54 -2.39
C ARG A 798 -5.64 8.03 -2.16
N VAL A 799 -6.35 8.32 -3.25
CA VAL A 799 -7.76 8.67 -3.12
C VAL A 799 -8.49 7.55 -2.35
N ARG A 800 -8.12 6.30 -2.62
CA ARG A 800 -8.74 5.15 -1.97
C ARG A 800 -8.60 5.22 -0.42
N ASP A 801 -7.49 5.78 0.06
CA ASP A 801 -7.22 5.85 1.51
C ASP A 801 -8.26 6.82 2.07
N ILE A 802 -8.42 7.93 1.36
CA ILE A 802 -9.40 8.94 1.77
C ILE A 802 -10.84 8.36 1.74
N GLU A 803 -11.14 7.55 0.73
CA GLU A 803 -12.45 6.95 0.63
C GLU A 803 -12.79 6.10 1.84
N HIS A 804 -11.84 5.26 2.23
CA HIS A 804 -11.99 4.42 3.44
C HIS A 804 -12.27 5.31 4.67
N LEU A 805 -11.57 6.44 4.76
CA LEU A 805 -11.56 7.27 5.96
C LEU A 805 -12.77 8.18 6.03
N THR A 806 -13.48 8.34 4.91
CA THR A 806 -14.64 9.26 4.84
C THR A 806 -15.98 8.61 4.48
N GLY A 807 -15.97 7.39 3.93
CA GLY A 807 -17.21 6.72 3.42
C GLY A 807 -17.77 7.46 2.22
N LEU A 808 -16.89 8.17 1.51
CA LEU A 808 -17.25 8.85 0.25
C LEU A 808 -16.71 8.07 -0.95
N ASP A 809 -17.31 8.25 -2.10
CA ASP A 809 -16.81 7.61 -3.31
C ASP A 809 -16.73 8.73 -4.34
N PHE A 810 -15.53 8.99 -4.83
CA PHE A 810 -15.18 10.12 -5.72
C PHE A 810 -15.19 9.70 -7.19
N TYR A 811 -15.00 10.67 -8.10
CA TYR A 811 -14.97 10.42 -9.54
C TYR A 811 -16.15 9.64 -10.11
N ARG A 812 -17.36 9.95 -9.64
CA ARG A 812 -18.53 9.19 -10.08
C ARG A 812 -18.98 9.56 -11.47
N LYS A 813 -18.65 10.76 -11.93
CA LYS A 813 -19.10 11.24 -13.27
C LYS A 813 -17.94 11.76 -14.08
N THR A 814 -17.30 10.88 -14.82
CA THR A 814 -16.21 11.28 -15.69
C THR A 814 -16.47 10.64 -17.04
N SER A 815 -15.68 10.99 -18.04
CA SER A 815 -15.82 10.27 -19.31
C SER A 815 -14.88 9.05 -19.38
N ARG A 816 -14.23 8.71 -18.26
CA ARG A 816 -13.29 7.55 -18.27
C ARG A 816 -13.90 6.20 -17.88
N SER A 817 -13.26 5.09 -18.27
CA SER A 817 -13.78 3.74 -17.90
C SER A 817 -13.57 3.55 -16.37
N TYR A 818 -14.39 2.72 -15.75
CA TYR A 818 -14.41 2.59 -14.33
C TYR A 818 -13.11 1.94 -13.87
N SER A 819 -12.59 0.97 -14.62
CA SER A 819 -11.32 0.35 -14.23
CA SER A 819 -11.33 0.35 -14.21
C SER A 819 -10.20 1.38 -14.22
N GLU A 820 -10.24 2.29 -15.18
CA GLU A 820 -9.25 3.36 -15.25
C GLU A 820 -9.30 4.30 -14.02
N ILE A 821 -10.52 4.61 -13.62
CA ILE A 821 -10.76 5.44 -12.42
C ILE A 821 -10.30 4.65 -11.18
N LEU A 822 -10.56 3.36 -11.15
CA LEU A 822 -10.04 2.56 -10.02
C LEU A 822 -8.53 2.64 -9.91
N THR A 823 -7.82 2.52 -11.04
CA THR A 823 -6.37 2.68 -11.07
C THR A 823 -5.96 4.09 -10.55
N LEU A 824 -6.66 5.11 -10.99
CA LEU A 824 -6.40 6.48 -10.54
C LEU A 824 -6.59 6.61 -9.02
N LYS A 825 -7.61 5.94 -8.47
CA LYS A 825 -7.91 6.10 -7.04
C LYS A 825 -6.83 5.35 -6.22
N THR A 826 -6.15 4.37 -6.81
CA THR A 826 -5.06 3.69 -6.10
C THR A 826 -3.68 4.35 -6.26
N TYR A 827 -3.59 5.33 -7.15
CA TYR A 827 -2.34 6.04 -7.40
C TYR A 827 -1.79 6.72 -6.13
N LEU A 828 -0.50 6.60 -5.92
CA LEU A 828 0.15 7.34 -4.83
C LEU A 828 1.24 8.21 -5.45
N HIS A 829 1.18 9.50 -5.20
CA HIS A 829 2.29 10.37 -5.62
C HIS A 829 3.38 10.30 -4.55
N THR A 830 4.56 9.75 -4.89
N THR A 830 4.48 9.64 -4.86
CA THR A 830 5.56 9.39 -3.86
CA THR A 830 5.61 9.73 -3.99
C THR A 830 6.62 10.46 -3.52
C THR A 830 6.44 10.82 -4.63
N TYR A 831 6.88 11.35 -4.48
N TYR A 831 7.26 11.46 -3.84
CA TYR A 831 7.87 12.43 -4.31
CA TYR A 831 8.02 12.56 -4.37
C TYR A 831 9.34 11.95 -4.10
C TYR A 831 9.45 12.07 -4.63
N GLU A 832 9.62 10.75 -4.60
CA GLU A 832 10.97 10.18 -4.72
C GLU A 832 11.46 10.59 -6.11
N SER A 833 12.76 10.66 -6.34
CA SER A 833 13.22 10.84 -7.72
C SER A 833 13.14 9.54 -8.55
N GLU A 834 13.68 9.56 -9.76
CA GLU A 834 13.55 8.43 -10.70
C GLU A 834 14.49 7.27 -10.38
C1 NAG B . -8.44 -4.21 4.93
C2 NAG B . -9.28 -3.14 5.63
C3 NAG B . -9.85 -3.75 6.91
C4 NAG B . -10.59 -5.06 6.66
C5 NAG B . -9.76 -6.01 5.76
C6 NAG B . -10.57 -7.24 5.36
C7 NAG B . -8.80 -0.73 5.40
C8 NAG B . -7.96 0.48 5.82
N2 NAG B . -8.51 -1.94 5.93
O3 NAG B . -10.75 -2.87 7.56
O4 NAG B . -10.63 -5.71 7.93
O5 NAG B . -9.31 -5.31 4.62
O6 NAG B . -11.78 -6.79 4.72
O7 NAG B . -9.71 -0.55 4.60
C1 NAG B . -11.95 -6.16 8.28
C2 NAG B . -11.75 -7.32 9.28
C3 NAG B . -13.10 -7.73 9.88
C4 NAG B . -13.88 -6.51 10.44
C5 NAG B . -13.92 -5.31 9.46
C6 NAG B . -14.44 -4.07 10.21
C7 NAG B . -9.81 -8.73 8.76
C8 NAG B . -9.28 -9.96 8.03
N2 NAG B . -11.10 -8.46 8.66
O3 NAG B . -12.82 -8.61 10.94
O4 NAG B . -15.21 -6.85 10.79
O5 NAG B . -12.62 -5.08 8.91
O6 NAG B . -13.52 -3.57 11.21
O7 NAG B . -9.05 -7.99 9.40
C1 BMA B . -15.29 -7.19 12.20
C2 BMA B . -16.59 -6.64 12.82
C3 BMA B . -16.96 -7.28 14.19
C4 BMA B . -16.78 -8.81 14.15
C5 BMA B . -15.40 -9.20 13.60
C6 BMA B . -15.24 -10.71 13.43
O2 BMA B . -17.61 -6.83 11.85
O3 BMA B . -18.30 -6.96 14.58
O4 BMA B . -16.85 -9.38 15.43
O5 BMA B . -15.15 -8.60 12.35
O6 BMA B . -13.85 -10.89 13.31
C1 MAN B . -13.38 -12.25 13.10
C2 MAN B . -11.83 -12.22 13.26
C3 MAN B . -11.10 -11.77 11.97
C4 MAN B . -11.62 -12.56 10.76
C5 MAN B . -13.16 -12.46 10.65
C6 MAN B . -13.75 -13.23 9.45
O2 MAN B . -11.33 -13.45 13.73
O3 MAN B . -9.68 -11.88 12.05
O4 MAN B . -11.01 -12.12 9.56
O5 MAN B . -13.78 -12.87 11.88
O6 MAN B . -13.26 -14.56 9.30
C1 MAN B . -9.05 -10.87 12.90
C2 MAN B . -7.73 -10.40 12.26
C3 MAN B . -6.71 -11.56 12.26
C4 MAN B . -6.57 -12.22 13.64
C5 MAN B . -7.90 -12.38 14.42
C6 MAN B . -7.60 -12.60 15.90
O2 MAN B . -7.19 -9.32 13.02
O3 MAN B . -5.44 -11.14 11.81
O4 MAN B . -5.93 -13.47 13.48
O5 MAN B . -8.78 -11.27 14.24
O6 MAN B . -8.17 -11.57 16.69
C1 MAN B . -7.48 -8.01 12.49
C2 MAN B . -6.49 -7.04 13.15
C3 MAN B . -6.92 -6.68 14.57
C4 MAN B . -8.40 -6.29 14.69
C5 MAN B . -9.33 -7.28 13.97
C6 MAN B . -10.78 -6.75 13.95
O2 MAN B . -6.36 -5.85 12.38
O3 MAN B . -6.09 -5.64 15.01
O4 MAN B . -8.77 -6.20 16.05
O5 MAN B . -8.85 -7.57 12.65
O6 MAN B . -11.71 -7.75 13.51
C1 MAN B . -18.44 -5.93 15.63
C2 MAN B . -19.64 -6.29 16.55
C3 MAN B . -20.98 -6.07 15.84
C4 MAN B . -21.05 -4.61 15.39
C5 MAN B . -19.85 -4.40 14.46
C6 MAN B . -19.96 -3.10 13.65
O2 MAN B . -19.65 -5.46 17.70
O3 MAN B . -22.06 -6.31 16.73
O4 MAN B . -22.29 -4.35 14.76
O5 MAN B . -18.60 -4.59 15.16
O6 MAN B . -20.99 -3.27 12.69
C1 MAN B . -19.38 -6.25 18.88
C2 MAN B . -20.13 -5.67 20.09
C3 MAN B . -19.45 -4.35 20.54
C4 MAN B . -17.93 -4.53 20.70
C5 MAN B . -17.36 -5.07 19.38
C6 MAN B . -15.83 -5.18 19.33
O2 MAN B . -20.19 -6.65 21.12
O3 MAN B . -20.02 -3.76 21.70
O4 MAN B . -17.34 -3.29 21.04
O5 MAN B . -17.97 -6.33 19.11
O6 MAN B . -15.39 -6.26 20.11
CA CA C . 12.78 -10.72 2.18
C ACT D . 13.25 7.77 4.42
O ACT D . 12.49 8.45 3.68
OXT ACT D . 14.50 7.86 4.34
CH3 ACT D . 12.64 6.83 5.45
CL CL E . 10.55 -6.01 12.33
ZN ZN F . 16.58 -9.57 4.10
NA NA G . 8.75 21.53 15.32
CA CA H . -12.05 4.77 12.51
NA NA I . -10.00 29.39 20.65
C10 Y85 J . 4.04 -16.51 -0.88
C11 Y85 J . 5.09 -17.10 -1.59
C13 Y85 J . 5.85 -17.95 0.55
C15 Y85 J . 4.58 -17.47 2.72
C16 Y85 J . 5.84 -17.06 3.51
C17 Y85 J . 3.39 -16.63 3.21
C18 Y85 J . 4.26 -18.93 3.09
C20 Y85 J . 5.24 -16.97 -3.09
C1 Y85 J . 9.54 -17.79 2.63
C2 Y85 J . 9.10 -18.90 1.89
N3 Y85 J . 9.61 -20.19 2.12
C4 Y85 J . 10.54 -20.31 3.11
C5 Y85 J . 11.01 -19.23 3.90
C6 Y85 J . 10.48 -17.97 3.63
C7 Y85 J . 8.07 -18.85 0.76
O8 Y85 J . 6.73 -18.64 1.32
C9 Y85 J . 3.87 -16.61 0.48
C12 Y85 J . 6.02 -17.83 -0.86
C14 Y85 J . 4.78 -17.33 1.25
CL19 Y85 J . 2.87 -15.58 -1.71
#